data_7WNU
#
_entry.id   7WNU
#
_cell.length_a   92.060
_cell.length_b   145.380
_cell.length_c   192.100
_cell.angle_alpha   90.000
_cell.angle_beta   90.000
_cell.angle_gamma   90.000
#
_symmetry.space_group_name_H-M   'C 2 2 21'
#
loop_
_entity.id
_entity.type
_entity.pdbx_description
1 polymer 'Ribonuclease J'
2 polymer "RNA (5'-R(P*AP*AP*AP*AP*AP*AP*A)-3')"
3 non-polymer 'ZINC ION'
#
loop_
_entity_poly.entity_id
_entity_poly.type
_entity_poly.pdbx_seq_one_letter_code
_entity_poly.pdbx_strand_id
1 'polypeptide(L)'
;MDVDLPPPGPLTSGGLRVTALGGINEIGRNMTVFEHLGRLLIIDCGVLFPGHDEPGVDLILPDMRHVEDRLDDIEALVLT
HGHEDHIGAIPFLLKLRPDIPVVGSKFTLALVAEKCREYRITPVFVEVREGQSTRHGVFECEYFAVNHSTPDALAIAVYT
GAGTILHTGDIKFDQLPPDGRPTDLPGMSRLGDTGVDLLLCDSTNAEIPGVGPSESEVGPTLHRLIRGADGRVIVACFAS
NVDRVQQIIDAAVALGRRVSFVGRSMVRNMRVARQLGFLRVADSDLIDIAAAETMAPDQVVLITTGTQGEPMSALSRMSR
GEHRSITLTAGDLIVLSSSLIPGNEEAVFGVIDALSKIGARVVTNAQARVHVSGHAYAGELLFLYNGVRPRNVMPVHGTW
RMLRANAKLAASTGVPQESILLAENGVSVDLVAGKASISGAVPVGKMFVDGLIAGDVGDITLGERLILSSGFVAVTVVVR
RGTGQPLAAPHLHSRGFSEDPKALEPAVRKVEAELESLVAANVTDPIRIAQGVRRTVGKWVGETYRRQPMIVPTVIEV
;
A,B
2 'polyribonucleotide' AAAAAAA C,D
#
loop_
_chem_comp.id
_chem_comp.type
_chem_comp.name
_chem_comp.formula
A RNA linking ADENOSINE-5'-MONOPHOSPHATE 'C10 H14 N5 O7 P'
ZN non-polymer 'ZINC ION' 'Zn 2'
#
# COMPACT_ATOMS: atom_id res chain seq x y z
N PRO A 6 20.80 13.47 23.46
CA PRO A 6 20.94 13.83 24.88
C PRO A 6 20.15 12.88 25.79
N PRO A 7 20.82 12.06 26.61
CA PRO A 7 20.09 11.06 27.40
C PRO A 7 19.54 11.68 28.67
N PRO A 8 18.72 10.96 29.41
CA PRO A 8 18.17 11.52 30.64
C PRO A 8 18.97 11.11 31.87
N GLY A 9 19.15 12.05 32.78
CA GLY A 9 19.89 11.83 33.99
C GLY A 9 19.05 11.14 35.06
N PRO A 10 19.48 11.29 36.31
CA PRO A 10 18.80 10.60 37.41
C PRO A 10 17.46 11.23 37.66
N LEU A 11 16.43 10.40 37.75
CA LEU A 11 15.13 10.94 38.11
C LEU A 11 15.21 11.37 39.58
N THR A 12 15.36 12.69 39.77
CA THR A 12 15.49 13.25 41.11
C THR A 12 14.37 12.70 41.96
N SER A 13 14.74 12.11 43.09
CA SER A 13 13.87 11.18 43.80
C SER A 13 12.50 11.79 44.08
N GLY A 14 11.48 10.92 44.11
CA GLY A 14 10.11 11.35 44.32
C GLY A 14 9.36 11.75 43.07
N GLY A 15 10.06 11.93 41.95
CA GLY A 15 9.42 12.29 40.69
C GLY A 15 8.88 11.09 39.94
N LEU A 16 8.33 11.38 38.76
CA LEU A 16 7.76 10.38 37.87
C LEU A 16 8.27 10.60 36.46
N ARG A 17 8.75 9.54 35.82
CA ARG A 17 9.33 9.62 34.49
C ARG A 17 8.54 8.70 33.57
N VAL A 18 7.94 9.29 32.51
CA VAL A 18 7.23 8.55 31.48
C VAL A 18 8.07 8.48 30.23
N THR A 19 8.06 7.30 29.61
CA THR A 19 8.75 7.06 28.33
C THR A 19 7.94 6.05 27.52
N ALA A 20 7.61 6.43 26.29
CA ALA A 20 6.98 5.48 25.41
C ALA A 20 8.04 4.59 24.80
N LEU A 21 7.86 3.27 24.88
CA LEU A 21 8.78 2.36 24.24
C LEU A 21 8.24 1.85 22.92
N GLY A 22 7.32 2.60 22.31
CA GLY A 22 6.62 2.19 21.12
C GLY A 22 5.19 2.66 21.17
N GLY A 23 4.74 3.29 20.09
CA GLY A 23 3.35 3.71 20.03
C GLY A 23 3.21 5.19 19.72
N ILE A 24 4.30 5.95 19.84
CA ILE A 24 4.21 7.39 19.70
C ILE A 24 4.80 7.89 18.38
N ASN A 25 5.80 7.24 17.80
CA ASN A 25 6.16 7.55 16.41
C ASN A 25 5.07 7.14 15.42
N GLU A 26 4.31 6.07 15.71
CA GLU A 26 3.50 5.34 14.74
C GLU A 26 2.12 5.06 15.32
N ILE A 27 1.34 4.23 14.61
CA ILE A 27 0.12 3.62 15.15
C ILE A 27 0.41 2.14 15.37
N GLY A 28 0.62 1.75 16.63
CA GLY A 28 0.80 0.35 16.94
C GLY A 28 1.87 0.12 17.98
N ARG A 29 2.06 -1.15 18.36
CA ARG A 29 3.05 -1.58 19.36
C ARG A 29 3.09 -0.60 20.55
N ASN A 30 1.94 -0.42 21.17
CA ASN A 30 1.80 0.55 22.25
C ASN A 30 2.31 -0.03 23.56
N MET A 31 3.24 0.69 24.21
CA MET A 31 3.79 0.30 25.52
C MET A 31 4.44 1.52 26.17
N THR A 32 3.93 1.92 27.31
CA THR A 32 4.34 3.14 27.98
C THR A 32 4.89 2.76 29.36
N VAL A 33 6.04 3.31 29.73
CA VAL A 33 6.74 2.88 30.94
C VAL A 33 6.90 4.05 31.91
N PHE A 34 6.32 3.90 33.10
CA PHE A 34 6.35 4.92 34.15
C PHE A 34 7.35 4.51 35.22
N GLU A 35 8.26 5.41 35.57
CA GLU A 35 9.27 5.15 36.59
C GLU A 35 9.03 6.05 37.79
N HIS A 36 8.95 5.44 38.97
CA HIS A 36 8.78 6.19 40.24
C HIS A 36 9.60 5.54 41.35
N LEU A 37 10.63 6.21 41.82
CA LEU A 37 11.52 5.73 42.90
C LEU A 37 12.03 4.32 42.57
N GLY A 38 12.78 4.12 41.50
CA GLY A 38 13.32 2.77 41.25
C GLY A 38 12.34 1.76 40.68
N ARG A 39 11.12 1.70 41.15
CA ARG A 39 10.10 0.75 40.62
C ARG A 39 9.48 1.29 39.32
N LEU A 40 8.91 0.40 38.50
CA LEU A 40 8.39 0.79 37.17
C LEU A 40 6.97 0.28 36.94
N LEU A 41 6.14 1.03 36.22
CA LEU A 41 4.79 0.54 35.84
C LEU A 41 4.74 0.58 34.33
N ILE A 42 4.34 -0.51 33.70
CA ILE A 42 4.19 -0.47 32.23
C ILE A 42 2.71 -0.50 31.88
N ILE A 43 2.26 0.45 31.06
CA ILE A 43 0.84 0.51 30.63
C ILE A 43 0.79 0.03 29.19
N ASP A 44 0.22 -1.15 28.95
CA ASP A 44 0.04 -1.71 27.58
C ASP A 44 1.34 -2.32 27.04
N CYS A 45 1.26 -3.26 26.10
CA CYS A 45 2.43 -3.93 25.47
C CYS A 45 1.91 -4.67 24.25
N GLY A 46 2.06 -4.11 23.05
CA GLY A 46 1.45 -4.73 21.86
C GLY A 46 2.33 -4.77 20.64
N VAL A 47 1.75 -5.00 19.46
CA VAL A 47 2.57 -5.22 18.23
C VAL A 47 2.24 -4.25 17.10
N LEU A 48 3.21 -3.98 16.23
CA LEU A 48 2.97 -3.20 15.00
C LEU A 48 3.09 -4.25 13.92
N PHE A 49 2.15 -4.29 13.00
CA PHE A 49 2.17 -5.36 11.99
C PHE A 49 3.19 -4.97 10.93
N PRO A 50 3.90 -5.95 10.34
CA PRO A 50 4.94 -5.65 9.38
C PRO A 50 4.44 -4.87 8.17
N GLY A 51 5.34 -4.15 7.51
CA GLY A 51 4.91 -3.31 6.39
C GLY A 51 5.67 -3.54 5.09
N HIS A 52 5.82 -2.49 4.29
CA HIS A 52 6.44 -2.62 2.95
C HIS A 52 7.87 -2.12 3.03
N ASP A 53 8.41 -2.02 4.23
CA ASP A 53 9.84 -1.65 4.37
C ASP A 53 10.43 -2.66 5.32
N GLU A 54 9.61 -3.61 5.75
CA GLU A 54 10.05 -4.69 6.68
C GLU A 54 9.65 -6.02 6.04
N PRO A 55 10.44 -6.56 5.10
CA PRO A 55 10.05 -7.74 4.35
C PRO A 55 9.73 -9.10 4.95
N GLY A 56 10.61 -9.68 5.73
CA GLY A 56 10.33 -11.05 6.19
C GLY A 56 9.82 -11.11 7.60
N VAL A 57 9.84 -9.99 8.30
CA VAL A 57 9.42 -9.97 9.72
C VAL A 57 7.96 -10.35 9.83
N ASP A 58 7.55 -10.77 11.02
CA ASP A 58 6.15 -11.22 11.22
C ASP A 58 5.46 -10.28 12.21
N LEU A 59 6.22 -9.61 13.07
CA LEU A 59 5.62 -8.78 14.14
C LEU A 59 6.68 -7.80 14.65
N ILE A 60 6.40 -6.50 14.59
CA ILE A 60 7.34 -5.52 15.20
C ILE A 60 6.89 -5.32 16.65
N LEU A 61 7.82 -5.37 17.61
CA LEU A 61 7.48 -5.27 19.04
C LEU A 61 8.09 -3.99 19.59
N PRO A 62 7.73 -3.56 20.81
CA PRO A 62 8.38 -2.41 21.40
C PRO A 62 9.83 -2.75 21.74
N ASP A 63 10.69 -1.74 21.89
CA ASP A 63 12.10 -1.97 22.29
C ASP A 63 12.15 -2.19 23.79
N MET A 64 11.92 -3.41 24.23
CA MET A 64 11.99 -3.76 25.67
C MET A 64 13.46 -3.94 26.05
N ARG A 65 14.38 -3.32 25.31
CA ARG A 65 15.83 -3.43 25.59
C ARG A 65 16.17 -2.44 26.70
N HIS A 66 15.21 -1.61 27.07
CA HIS A 66 15.45 -0.63 28.15
C HIS A 66 15.05 -1.22 29.50
N VAL A 67 14.45 -2.41 29.50
CA VAL A 67 13.65 -2.90 30.65
C VAL A 67 13.86 -4.41 30.79
N GLU A 68 14.69 -4.97 29.93
CA GLU A 68 14.96 -6.43 29.96
C GLU A 68 15.92 -6.71 31.11
N ASP A 69 16.56 -5.67 31.62
CA ASP A 69 17.51 -5.83 32.75
C ASP A 69 16.79 -5.55 34.07
N ARG A 70 16.04 -4.45 34.15
CA ARG A 70 15.32 -4.06 35.38
C ARG A 70 13.99 -4.76 35.43
N LEU A 71 13.94 -6.02 35.02
CA LEU A 71 12.63 -6.70 34.96
C LEU A 71 12.07 -6.79 36.36
N ASP A 72 12.91 -7.03 37.36
CA ASP A 72 12.41 -7.25 38.75
C ASP A 72 12.01 -5.94 39.41
N ASP A 73 12.14 -4.83 38.69
CA ASP A 73 11.67 -3.53 39.21
C ASP A 73 10.25 -3.26 38.70
N ILE A 74 9.76 -4.05 37.76
CA ILE A 74 8.41 -3.86 37.17
C ILE A 74 7.37 -4.24 38.20
N GLU A 75 6.47 -3.32 38.52
CA GLU A 75 5.50 -3.59 39.58
C GLU A 75 4.31 -4.32 38.99
N ALA A 76 3.86 -3.93 37.79
CA ALA A 76 2.72 -4.57 37.13
C ALA A 76 2.54 -3.98 35.74
N LEU A 77 1.98 -4.80 34.86
CA LEU A 77 1.61 -4.41 33.50
C LEU A 77 0.10 -4.26 33.46
N VAL A 78 -0.37 -3.10 33.04
CA VAL A 78 -1.78 -2.80 33.12
C VAL A 78 -2.32 -2.46 31.73
N LEU A 79 -3.52 -2.96 31.44
CA LEU A 79 -4.04 -3.07 30.09
C LEU A 79 -5.31 -2.26 29.92
N THR A 80 -5.32 -1.34 28.95
CA THR A 80 -6.51 -0.54 28.70
C THR A 80 -7.59 -1.37 28.04
N HIS A 81 -7.24 -2.22 27.09
CA HIS A 81 -8.22 -3.10 26.45
C HIS A 81 -7.47 -4.18 25.67
N GLY A 82 -8.21 -4.92 24.86
CA GLY A 82 -7.67 -6.13 24.25
C GLY A 82 -7.30 -6.02 22.80
N HIS A 83 -6.98 -4.83 22.31
CA HIS A 83 -6.48 -4.70 20.96
C HIS A 83 -5.09 -5.30 20.83
N GLU A 84 -4.85 -6.00 19.72
CA GLU A 84 -3.51 -6.53 19.48
C GLU A 84 -2.47 -5.42 19.47
N ASP A 85 -2.87 -4.19 19.19
CA ASP A 85 -2.00 -3.04 19.34
C ASP A 85 -1.80 -2.65 20.81
N HIS A 86 -2.34 -3.45 21.73
CA HIS A 86 -2.16 -3.25 23.17
C HIS A 86 -1.83 -4.50 23.98
N ILE A 87 -1.92 -5.71 23.41
CA ILE A 87 -1.60 -6.95 24.12
C ILE A 87 -0.87 -7.94 23.23
N GLY A 88 -0.45 -7.50 22.05
CA GLY A 88 0.18 -8.43 21.12
C GLY A 88 1.49 -8.97 21.67
N ALA A 89 2.34 -8.09 22.17
CA ALA A 89 3.66 -8.47 22.64
C ALA A 89 3.69 -8.84 24.11
N ILE A 90 2.60 -9.36 24.66
CA ILE A 90 2.58 -9.72 26.09
C ILE A 90 3.44 -10.97 26.31
N PRO A 91 3.31 -12.03 25.49
CA PRO A 91 4.20 -13.19 25.70
C PRO A 91 5.67 -12.88 25.47
N PHE A 92 6.00 -12.05 24.48
CA PHE A 92 7.38 -11.60 24.29
C PHE A 92 7.91 -10.78 25.47
N LEU A 93 7.07 -10.54 26.46
CA LEU A 93 7.50 -9.91 27.70
C LEU A 93 7.54 -10.89 28.86
N LEU A 94 6.50 -11.72 28.98
CA LEU A 94 6.40 -12.70 30.05
C LEU A 94 7.27 -13.94 29.80
N LYS A 95 7.82 -14.11 28.58
CA LYS A 95 8.88 -15.11 28.41
C LYS A 95 10.14 -14.69 29.16
N LEU A 96 10.39 -13.39 29.24
CA LEU A 96 11.49 -12.85 30.04
C LEU A 96 11.19 -12.87 31.54
N ARG A 97 9.91 -13.02 31.96
CA ARG A 97 9.56 -13.00 33.38
C ARG A 97 8.15 -13.51 33.65
N PRO A 98 7.93 -14.80 33.58
CA PRO A 98 6.56 -15.35 33.69
C PRO A 98 5.67 -14.79 34.80
N ASP A 99 6.24 -14.20 35.85
CA ASP A 99 5.49 -13.88 37.06
C ASP A 99 5.06 -12.41 37.15
N ILE A 100 5.18 -11.65 36.06
CA ILE A 100 4.69 -10.25 36.08
C ILE A 100 3.18 -10.26 36.21
N PRO A 101 2.63 -9.49 37.16
CA PRO A 101 1.17 -9.42 37.34
C PRO A 101 0.57 -8.48 36.31
N VAL A 102 -0.27 -9.03 35.43
CA VAL A 102 -0.91 -8.27 34.35
C VAL A 102 -2.34 -7.94 34.76
N VAL A 103 -2.69 -6.66 34.70
CA VAL A 103 -3.94 -6.15 35.26
C VAL A 103 -4.84 -5.63 34.13
N GLY A 104 -6.08 -6.12 34.09
CA GLY A 104 -7.00 -5.71 33.04
C GLY A 104 -8.41 -6.17 33.36
N SER A 105 -9.35 -5.79 32.49
CA SER A 105 -10.76 -6.07 32.71
C SER A 105 -11.07 -7.52 32.35
N LYS A 106 -12.34 -7.91 32.50
CA LYS A 106 -12.69 -9.31 32.29
C LYS A 106 -12.43 -9.70 30.84
N PHE A 107 -12.99 -8.93 29.91
CA PHE A 107 -12.73 -9.25 28.52
C PHE A 107 -11.25 -9.04 28.20
N THR A 108 -10.70 -7.87 28.52
CA THR A 108 -9.29 -7.59 28.19
C THR A 108 -8.36 -8.71 28.63
N LEU A 109 -8.67 -9.36 29.76
CA LEU A 109 -7.83 -10.46 30.23
C LEU A 109 -8.15 -11.78 29.55
N ALA A 110 -9.41 -12.00 29.15
CA ALA A 110 -9.74 -13.24 28.46
C ALA A 110 -9.08 -13.33 27.08
N LEU A 111 -8.57 -12.21 26.56
CA LEU A 111 -7.84 -12.22 25.29
C LEU A 111 -6.34 -12.46 25.50
N VAL A 112 -5.75 -11.85 26.52
CA VAL A 112 -4.39 -12.22 26.88
C VAL A 112 -4.31 -13.72 27.20
N ALA A 113 -5.38 -14.28 27.75
CA ALA A 113 -5.53 -15.72 27.90
C ALA A 113 -5.21 -16.45 26.59
N GLU A 114 -6.09 -16.33 25.59
CA GLU A 114 -5.88 -17.05 24.33
C GLU A 114 -4.55 -16.67 23.68
N LYS A 115 -4.21 -15.37 23.67
CA LYS A 115 -2.98 -14.96 23.00
C LYS A 115 -1.78 -15.65 23.62
N CYS A 116 -1.76 -15.80 24.93
CA CYS A 116 -0.58 -16.36 25.59
C CYS A 116 -0.64 -17.88 25.66
N ARG A 117 -1.83 -18.46 25.72
CA ARG A 117 -1.97 -19.88 25.49
C ARG A 117 -1.21 -20.32 24.25
N GLU A 118 -1.29 -19.51 23.18
CA GLU A 118 -0.58 -19.79 21.92
C GLU A 118 0.91 -20.07 22.14
N TYR A 119 1.47 -19.58 23.25
CA TYR A 119 2.93 -19.54 23.43
C TYR A 119 3.40 -20.39 24.59
N ARG A 120 2.55 -21.28 25.12
CA ARG A 120 2.86 -22.06 26.32
C ARG A 120 3.15 -21.16 27.52
N ILE A 121 2.26 -20.20 27.78
CA ILE A 121 2.41 -19.28 28.89
C ILE A 121 1.10 -19.25 29.66
N THR A 122 1.19 -19.17 30.99
CA THR A 122 0.05 -18.75 31.79
C THR A 122 0.44 -17.58 32.68
N PRO A 123 -0.25 -16.45 32.56
CA PRO A 123 0.16 -15.24 33.31
C PRO A 123 -0.59 -15.11 34.61
N VAL A 124 -0.03 -14.36 35.56
CA VAL A 124 -0.70 -14.10 36.83
C VAL A 124 -1.59 -12.89 36.67
N PHE A 125 -2.90 -13.13 36.72
CA PHE A 125 -3.91 -12.14 36.38
C PHE A 125 -4.33 -11.31 37.58
N VAL A 126 -4.87 -10.13 37.29
CA VAL A 126 -5.56 -9.27 38.25
C VAL A 126 -6.71 -8.63 37.46
N GLU A 127 -7.94 -9.06 37.73
CA GLU A 127 -9.10 -8.63 36.97
C GLU A 127 -9.84 -7.50 37.70
N VAL A 128 -9.84 -6.31 37.11
CA VAL A 128 -10.38 -5.11 37.73
C VAL A 128 -11.54 -4.60 36.90
N ARG A 129 -12.28 -3.65 37.46
CA ARG A 129 -13.42 -3.04 36.78
C ARG A 129 -13.37 -1.54 37.01
N GLU A 130 -14.32 -0.82 36.42
CA GLU A 130 -14.37 0.62 36.52
C GLU A 130 -14.68 1.05 37.96
N GLY A 131 -14.32 2.30 38.26
CA GLY A 131 -14.49 2.91 39.56
C GLY A 131 -14.04 2.01 40.68
N GLN A 132 -12.76 1.62 40.64
CA GLN A 132 -12.25 0.65 41.60
C GLN A 132 -10.74 0.77 41.60
N SER A 133 -10.15 0.92 42.77
CA SER A 133 -8.71 1.12 42.79
C SER A 133 -7.98 -0.20 43.00
N THR A 134 -6.71 -0.19 42.65
CA THR A 134 -5.76 -1.20 43.06
C THR A 134 -4.45 -0.50 43.39
N ARG A 135 -3.68 -1.08 44.30
CA ARG A 135 -2.33 -0.62 44.58
C ARG A 135 -1.35 -1.61 44.02
N HIS A 136 -0.21 -1.11 43.55
CA HIS A 136 0.86 -1.91 42.97
C HIS A 136 2.17 -1.27 43.43
N GLY A 137 2.66 -1.70 44.58
CA GLY A 137 3.84 -1.06 45.13
C GLY A 137 3.63 0.44 45.31
N VAL A 138 4.47 1.24 44.66
CA VAL A 138 4.43 2.69 44.83
C VAL A 138 3.36 3.35 43.97
N PHE A 139 2.66 2.58 43.15
CA PHE A 139 1.61 3.11 42.27
C PHE A 139 0.25 2.68 42.80
N GLU A 140 -0.70 3.62 42.84
CA GLU A 140 -2.09 3.27 42.99
C GLU A 140 -2.83 3.59 41.69
N CYS A 141 -3.77 2.72 41.34
CA CYS A 141 -4.43 2.75 40.04
C CYS A 141 -5.94 2.70 40.22
N GLU A 142 -6.62 3.76 39.75
CA GLU A 142 -8.06 3.77 39.61
C GLU A 142 -8.43 3.64 38.13
N TYR A 143 -9.55 2.97 37.88
CA TYR A 143 -10.02 2.61 36.55
C TYR A 143 -11.36 3.28 36.20
N PHE A 144 -11.42 3.88 35.02
CA PHE A 144 -12.63 4.50 34.49
C PHE A 144 -13.03 3.84 33.17
N ALA A 145 -14.31 3.48 33.07
CA ALA A 145 -14.82 2.85 31.85
C ALA A 145 -14.70 3.77 30.64
N VAL A 146 -14.03 3.27 29.59
CA VAL A 146 -14.05 3.94 28.29
C VAL A 146 -14.82 3.06 27.31
N ASN A 147 -15.56 3.73 26.42
CA ASN A 147 -16.35 3.09 25.38
C ASN A 147 -15.55 3.12 24.10
N HIS A 148 -15.46 1.96 23.46
CA HIS A 148 -14.48 1.72 22.41
C HIS A 148 -14.95 0.50 21.64
N SER A 149 -14.32 0.27 20.48
CA SER A 149 -14.77 -0.74 19.52
C SER A 149 -14.81 -2.14 20.12
N THR A 150 -13.85 -2.47 20.99
CA THR A 150 -13.88 -3.76 21.66
C THR A 150 -14.36 -3.62 23.11
N PRO A 151 -15.04 -4.62 23.65
CA PRO A 151 -15.71 -4.43 24.94
C PRO A 151 -14.74 -4.30 26.10
N ASP A 152 -15.18 -3.54 27.11
CA ASP A 152 -14.59 -3.58 28.43
C ASP A 152 -13.27 -2.82 28.50
N ALA A 153 -13.01 -1.91 27.58
CA ALA A 153 -11.84 -1.06 27.72
C ALA A 153 -11.96 -0.22 29.00
N LEU A 154 -10.81 0.22 29.51
CA LEU A 154 -10.77 1.09 30.68
C LEU A 154 -9.68 2.12 30.46
N ALA A 155 -9.93 3.35 30.92
CA ALA A 155 -8.82 4.26 31.12
C ALA A 155 -8.23 4.04 32.50
N ILE A 156 -7.03 4.59 32.73
CA ILE A 156 -6.23 4.30 33.91
C ILE A 156 -5.72 5.62 34.52
N ALA A 157 -5.84 5.75 35.84
CA ALA A 157 -5.23 6.85 36.58
C ALA A 157 -4.13 6.30 37.48
N VAL A 158 -2.95 6.91 37.45
CA VAL A 158 -1.82 6.43 38.26
C VAL A 158 -1.41 7.55 39.22
N TYR A 159 -1.98 7.50 40.42
CA TYR A 159 -1.57 8.40 41.48
C TYR A 159 -0.33 7.86 42.17
N THR A 160 0.66 8.74 42.29
CA THR A 160 1.91 8.50 42.98
C THR A 160 2.32 9.81 43.63
N GLY A 161 3.35 9.75 44.46
CA GLY A 161 3.83 10.95 45.13
C GLY A 161 4.21 12.08 44.20
N ALA A 162 4.38 11.83 42.90
CA ALA A 162 4.83 12.88 42.01
C ALA A 162 3.69 13.74 41.47
N GLY A 163 2.46 13.25 41.56
CA GLY A 163 1.28 13.90 41.04
C GLY A 163 0.22 12.86 40.70
N THR A 164 -0.61 13.19 39.73
CA THR A 164 -1.62 12.24 39.26
C THR A 164 -1.79 12.29 37.73
N ILE A 165 -1.67 11.12 37.10
CA ILE A 165 -1.65 10.95 35.65
C ILE A 165 -2.90 10.21 35.22
N LEU A 166 -3.53 10.68 34.15
CA LEU A 166 -4.63 9.96 33.52
C LEU A 166 -4.22 9.49 32.13
N HIS A 167 -4.45 8.20 31.85
CA HIS A 167 -4.17 7.57 30.58
C HIS A 167 -5.49 7.13 29.95
N THR A 168 -5.79 7.69 28.77
CA THR A 168 -7.07 7.51 28.10
C THR A 168 -7.19 6.16 27.37
N GLY A 169 -6.07 5.78 26.82
CA GLY A 169 -5.97 4.48 26.17
C GLY A 169 -6.36 4.62 24.75
N ASP A 170 -7.61 4.35 24.52
CA ASP A 170 -8.09 4.31 23.15
C ASP A 170 -9.50 4.80 23.41
N ILE A 171 -9.68 6.11 23.39
CA ILE A 171 -10.96 6.67 23.88
C ILE A 171 -11.89 7.17 22.80
N LYS A 172 -13.17 6.95 23.03
CA LYS A 172 -14.18 7.54 22.18
C LYS A 172 -15.45 7.87 22.96
N PHE A 173 -16.07 9.00 22.61
CA PHE A 173 -17.19 9.56 23.35
C PHE A 173 -18.54 9.44 22.64
N ASP A 174 -18.82 8.26 22.10
CA ASP A 174 -20.16 7.95 21.61
C ASP A 174 -21.15 8.09 22.75
N GLN A 175 -22.22 8.85 22.54
CA GLN A 175 -23.17 9.08 23.64
C GLN A 175 -24.30 8.07 23.70
N LEU A 176 -24.37 7.12 22.77
CA LEU A 176 -25.44 6.12 22.73
C LEU A 176 -24.87 4.77 22.33
N PRO A 177 -23.89 4.26 23.07
CA PRO A 177 -23.31 2.96 22.73
C PRO A 177 -24.34 1.85 22.86
N PRO A 178 -24.33 0.89 21.95
CA PRO A 178 -25.32 -0.20 22.02
C PRO A 178 -25.27 -0.98 23.32
N ASP A 179 -24.06 -1.22 23.85
CA ASP A 179 -23.91 -1.87 25.16
C ASP A 179 -24.59 -1.08 26.26
N GLY A 180 -24.80 0.22 26.07
CA GLY A 180 -25.49 1.04 27.03
C GLY A 180 -24.64 1.55 28.16
N ARG A 181 -23.32 1.66 27.96
CA ARG A 181 -22.37 2.02 29.01
C ARG A 181 -21.37 2.99 28.38
N PRO A 182 -21.72 4.28 28.33
CA PRO A 182 -20.83 5.28 27.74
C PRO A 182 -19.46 5.31 28.42
N THR A 183 -18.51 5.97 27.75
CA THR A 183 -17.31 6.42 28.41
C THR A 183 -17.65 7.25 29.63
N ASP A 184 -16.91 7.05 30.71
CA ASP A 184 -17.20 7.68 32.00
C ASP A 184 -16.56 9.07 32.05
N LEU A 185 -17.06 9.95 31.17
CA LEU A 185 -16.63 11.34 31.18
C LEU A 185 -16.98 12.06 32.48
N PRO A 186 -18.12 11.80 33.16
CA PRO A 186 -18.31 12.38 34.49
C PRO A 186 -17.17 12.05 35.44
N GLY A 187 -16.95 10.76 35.69
CA GLY A 187 -15.83 10.30 36.48
C GLY A 187 -14.57 11.07 36.15
N MET A 188 -14.24 11.13 34.87
CA MET A 188 -12.99 11.78 34.48
C MET A 188 -12.98 13.25 34.79
N SER A 189 -14.17 13.87 34.94
CA SER A 189 -14.23 15.29 35.27
C SER A 189 -14.18 15.51 36.78
N ARG A 190 -14.81 14.65 37.58
CA ARG A 190 -14.53 14.70 39.01
C ARG A 190 -13.02 14.52 39.25
N LEU A 191 -12.42 13.50 38.64
CA LEU A 191 -10.97 13.33 38.77
C LEU A 191 -10.26 14.57 38.27
N GLY A 192 -10.86 15.30 37.34
CA GLY A 192 -10.28 16.53 36.90
C GLY A 192 -10.31 17.61 37.97
N ASP A 193 -11.40 17.66 38.75
CA ASP A 193 -11.57 18.67 39.80
C ASP A 193 -10.54 18.49 40.92
N THR A 194 -10.13 17.25 41.17
CA THR A 194 -9.00 16.97 42.05
C THR A 194 -7.67 17.31 41.41
N GLY A 195 -7.67 17.67 40.14
CA GLY A 195 -6.47 18.12 39.46
C GLY A 195 -5.59 16.98 39.01
N VAL A 196 -5.49 16.76 37.69
CA VAL A 196 -4.53 15.81 37.12
C VAL A 196 -3.37 16.62 36.57
N ASP A 197 -2.16 16.14 36.77
CA ASP A 197 -1.01 16.89 36.35
C ASP A 197 -0.56 16.54 34.94
N LEU A 198 -0.88 15.33 34.48
CA LEU A 198 -0.51 14.91 33.13
C LEU A 198 -1.58 14.02 32.53
N LEU A 199 -1.97 14.34 31.30
CA LEU A 199 -2.89 13.52 30.52
C LEU A 199 -2.14 12.88 29.37
N LEU A 200 -2.28 11.56 29.24
CA LEU A 200 -1.78 10.81 28.10
C LEU A 200 -2.97 10.58 27.18
N CYS A 201 -3.05 11.37 26.14
CA CYS A 201 -4.28 11.45 25.37
C CYS A 201 -4.15 10.71 24.05
N ASP A 202 -5.20 9.97 23.70
CA ASP A 202 -5.35 9.39 22.36
C ASP A 202 -5.24 10.46 21.28
N SER A 203 -4.48 10.16 20.21
CA SER A 203 -4.27 11.11 19.13
C SER A 203 -4.74 10.63 17.76
N THR A 204 -5.26 9.41 17.67
CA THR A 204 -5.58 8.75 16.40
C THR A 204 -6.31 9.68 15.44
N ASN A 205 -7.48 10.18 15.84
CA ASN A 205 -8.33 10.93 14.93
C ASN A 205 -8.44 12.41 15.29
N ALA A 206 -7.44 12.96 16.00
CA ALA A 206 -7.46 14.36 16.38
C ALA A 206 -7.41 15.31 15.20
N GLU A 207 -7.15 14.81 13.99
CA GLU A 207 -7.15 15.68 12.83
C GLU A 207 -8.56 15.91 12.27
N ILE A 208 -9.44 14.94 12.41
CA ILE A 208 -10.81 15.05 11.87
C ILE A 208 -11.61 16.01 12.74
N PRO A 209 -12.20 17.06 12.17
CA PRO A 209 -12.99 17.98 12.98
C PRO A 209 -14.28 17.33 13.43
N GLY A 210 -14.86 17.89 14.50
CA GLY A 210 -16.23 17.56 14.87
C GLY A 210 -16.33 16.37 15.80
N VAL A 211 -17.48 15.72 15.79
CA VAL A 211 -17.75 14.58 16.67
C VAL A 211 -18.25 13.41 15.83
N GLY A 212 -17.44 12.37 15.73
CA GLY A 212 -17.77 11.23 14.92
C GLY A 212 -19.11 10.62 15.27
N PRO A 213 -19.61 9.75 14.40
CA PRO A 213 -20.97 9.23 14.53
C PRO A 213 -21.04 8.13 15.58
N SER A 214 -22.26 7.68 15.80
CA SER A 214 -22.54 6.72 16.86
C SER A 214 -22.57 5.32 16.29
N GLU A 215 -21.96 4.37 17.01
CA GLU A 215 -22.21 2.97 16.71
C GLU A 215 -23.70 2.66 16.57
N SER A 216 -24.55 3.43 17.26
CA SER A 216 -26.01 3.28 17.27
C SER A 216 -26.64 3.53 15.91
N GLU A 217 -25.89 4.10 14.97
CA GLU A 217 -26.37 4.34 13.61
C GLU A 217 -26.14 3.15 12.69
N VAL A 218 -25.11 2.35 12.97
CA VAL A 218 -24.80 1.18 12.13
C VAL A 218 -25.94 0.18 12.15
N GLY A 219 -26.48 -0.11 13.34
CA GLY A 219 -27.61 -1.02 13.51
C GLY A 219 -28.65 -0.93 12.41
N PRO A 220 -29.38 0.21 12.33
CA PRO A 220 -30.38 0.36 11.27
C PRO A 220 -29.85 0.05 9.88
N THR A 221 -28.70 0.61 9.51
CA THR A 221 -28.20 0.42 8.16
C THR A 221 -28.12 -1.06 7.83
N LEU A 222 -27.70 -1.88 8.81
CA LEU A 222 -27.67 -3.32 8.56
C LEU A 222 -29.09 -3.86 8.47
N HIS A 223 -29.95 -3.49 9.42
CA HIS A 223 -31.31 -3.98 9.42
C HIS A 223 -32.01 -3.67 8.09
N ARG A 224 -31.74 -2.50 7.49
CA ARG A 224 -32.19 -2.25 6.14
C ARG A 224 -31.58 -3.25 5.15
N LEU A 225 -30.24 -3.31 5.10
CA LEU A 225 -29.56 -4.09 4.06
C LEU A 225 -29.99 -5.55 4.04
N ILE A 226 -30.21 -6.15 5.21
CA ILE A 226 -30.62 -7.54 5.23
C ILE A 226 -32.11 -7.65 4.86
N ARG A 227 -32.92 -6.68 5.26
CA ARG A 227 -34.33 -6.71 4.87
C ARG A 227 -34.47 -6.61 3.37
N GLY A 228 -33.65 -5.79 2.72
CA GLY A 228 -33.78 -5.61 1.28
C GLY A 228 -33.14 -6.69 0.45
N ALA A 229 -32.25 -7.48 1.05
CA ALA A 229 -31.52 -8.53 0.33
C ALA A 229 -32.40 -9.74 0.04
N ASP A 230 -32.26 -10.29 -1.18
CA ASP A 230 -33.10 -11.37 -1.67
C ASP A 230 -32.47 -12.75 -1.52
N GLY A 231 -31.14 -12.82 -1.36
CA GLY A 231 -30.45 -14.07 -1.07
C GLY A 231 -29.69 -14.05 0.24
N ARG A 232 -28.53 -14.71 0.28
CA ARG A 232 -27.70 -14.78 1.48
C ARG A 232 -26.92 -13.49 1.69
N VAL A 233 -26.62 -13.20 2.95
CA VAL A 233 -25.89 -11.99 3.34
C VAL A 233 -24.60 -12.39 4.06
N ILE A 234 -23.54 -11.63 3.81
CA ILE A 234 -22.22 -11.85 4.39
C ILE A 234 -21.72 -10.54 4.92
N VAL A 235 -21.48 -10.47 6.23
CA VAL A 235 -20.97 -9.25 6.86
C VAL A 235 -19.57 -9.56 7.38
N ALA A 236 -18.64 -8.66 7.10
CA ALA A 236 -17.28 -8.74 7.59
C ALA A 236 -17.02 -7.59 8.56
N CYS A 237 -16.57 -7.91 9.77
CA CYS A 237 -16.06 -6.91 10.70
C CYS A 237 -14.97 -7.53 11.56
N PHE A 238 -14.17 -6.68 12.20
CA PHE A 238 -13.12 -7.17 13.09
C PHE A 238 -13.73 -8.06 14.17
N ALA A 239 -13.07 -9.18 14.46
CA ALA A 239 -13.55 -10.08 15.50
C ALA A 239 -13.54 -9.45 16.90
N SER A 240 -12.83 -8.32 17.08
CA SER A 240 -12.85 -7.66 18.38
C SER A 240 -14.21 -7.04 18.69
N ASN A 241 -14.96 -6.63 17.66
CA ASN A 241 -16.10 -5.74 17.83
C ASN A 241 -17.36 -6.54 18.12
N VAL A 242 -17.50 -6.97 19.38
CA VAL A 242 -18.65 -7.76 19.80
C VAL A 242 -19.91 -6.95 19.59
N ASP A 243 -19.86 -5.65 19.88
CA ASP A 243 -21.04 -4.80 19.75
C ASP A 243 -21.50 -4.72 18.30
N ARG A 244 -20.57 -4.65 17.35
CA ARG A 244 -20.97 -4.72 15.95
C ARG A 244 -21.54 -6.09 15.62
N VAL A 245 -20.87 -7.16 16.06
CA VAL A 245 -21.40 -8.50 15.79
C VAL A 245 -22.76 -8.70 16.44
N GLN A 246 -23.06 -7.93 17.49
CA GLN A 246 -24.35 -8.08 18.17
C GLN A 246 -25.49 -7.50 17.34
N GLN A 247 -25.32 -6.30 16.80
CA GLN A 247 -26.38 -5.73 15.99
C GLN A 247 -26.48 -6.36 14.61
N ILE A 248 -25.43 -7.02 14.13
CA ILE A 248 -25.60 -7.93 12.99
C ILE A 248 -26.52 -9.08 13.37
N ILE A 249 -26.28 -9.71 14.52
CA ILE A 249 -27.09 -10.84 14.95
C ILE A 249 -28.52 -10.39 15.26
N ASP A 250 -28.67 -9.31 16.03
CA ASP A 250 -30.00 -8.76 16.32
C ASP A 250 -30.79 -8.66 15.03
N ALA A 251 -30.19 -8.03 14.03
CA ALA A 251 -30.87 -7.79 12.76
C ALA A 251 -31.35 -9.09 12.13
N ALA A 252 -30.45 -10.07 12.04
CA ALA A 252 -30.78 -11.28 11.30
C ALA A 252 -31.97 -12.00 11.92
N VAL A 253 -31.92 -12.22 13.24
CA VAL A 253 -32.99 -12.98 13.86
C VAL A 253 -34.29 -12.16 13.88
N ALA A 254 -34.19 -10.83 13.91
CA ALA A 254 -35.35 -9.96 13.72
C ALA A 254 -36.03 -10.19 12.38
N LEU A 255 -35.34 -10.85 11.46
CA LEU A 255 -35.81 -11.06 10.10
C LEU A 255 -35.87 -12.56 9.78
N GLY A 256 -36.16 -13.39 10.78
CA GLY A 256 -36.28 -14.81 10.54
C GLY A 256 -35.08 -15.42 9.86
N ARG A 257 -33.92 -14.81 10.01
CA ARG A 257 -32.67 -15.38 9.55
C ARG A 257 -31.87 -15.95 10.72
N ARG A 258 -30.85 -16.72 10.38
CA ARG A 258 -29.98 -17.30 11.39
C ARG A 258 -28.53 -17.04 10.99
N VAL A 259 -27.61 -17.33 11.91
CA VAL A 259 -26.25 -16.82 11.84
C VAL A 259 -25.25 -17.96 11.82
N SER A 260 -24.12 -17.74 11.13
CA SER A 260 -22.99 -18.67 11.08
C SER A 260 -21.69 -17.89 11.01
N PHE A 261 -20.77 -18.15 11.94
CA PHE A 261 -19.48 -17.47 11.91
C PHE A 261 -18.53 -18.23 11.00
N VAL A 262 -17.51 -17.54 10.48
CA VAL A 262 -16.50 -18.15 9.59
C VAL A 262 -15.14 -17.51 9.82
N GLY A 263 -14.24 -18.21 10.49
CA GLY A 263 -12.90 -17.71 10.69
C GLY A 263 -12.34 -17.90 12.09
N ARG A 264 -11.08 -18.33 12.18
CA ARG A 264 -10.40 -18.58 13.45
C ARG A 264 -10.68 -17.47 14.47
N SER A 265 -10.38 -16.22 14.11
CA SER A 265 -10.62 -15.10 15.01
C SER A 265 -12.08 -15.01 15.41
N MET A 266 -12.98 -15.01 14.42
CA MET A 266 -14.39 -14.84 14.72
C MET A 266 -14.92 -15.96 15.58
N VAL A 267 -14.70 -17.22 15.16
CA VAL A 267 -15.32 -18.35 15.84
C VAL A 267 -14.82 -18.45 17.28
N ARG A 268 -13.49 -18.38 17.46
CA ARG A 268 -12.88 -18.21 18.77
C ARG A 268 -13.53 -17.06 19.55
N ASN A 269 -13.35 -15.83 19.07
CA ASN A 269 -13.70 -14.66 19.86
C ASN A 269 -15.20 -14.53 20.10
N MET A 270 -16.02 -15.24 19.35
CA MET A 270 -17.45 -15.15 19.62
C MET A 270 -17.90 -16.16 20.67
N ARG A 271 -17.34 -17.37 20.63
CA ARG A 271 -17.57 -18.32 21.72
C ARG A 271 -17.17 -17.73 23.05
N VAL A 272 -16.03 -17.04 23.09
CA VAL A 272 -15.56 -16.42 24.32
C VAL A 272 -16.52 -15.32 24.74
N ALA A 273 -16.87 -14.44 23.79
CA ALA A 273 -17.83 -13.39 24.09
C ALA A 273 -19.09 -13.99 24.71
N ARG A 274 -19.53 -15.13 24.20
CA ARG A 274 -20.74 -15.75 24.72
C ARG A 274 -20.52 -16.32 26.12
N GLN A 275 -19.46 -17.12 26.29
CA GLN A 275 -19.14 -17.69 27.60
C GLN A 275 -19.12 -16.61 28.68
N LEU A 276 -18.48 -15.48 28.39
CA LEU A 276 -18.47 -14.36 29.32
C LEU A 276 -19.67 -13.42 29.14
N GLY A 277 -20.73 -13.90 28.50
CA GLY A 277 -21.95 -13.12 28.43
C GLY A 277 -21.84 -11.73 27.80
N PHE A 278 -20.85 -11.47 26.96
CA PHE A 278 -20.68 -10.15 26.29
C PHE A 278 -21.49 -10.14 24.99
N LEU A 279 -21.80 -11.31 24.46
CA LEU A 279 -22.67 -11.42 23.25
C LEU A 279 -23.79 -12.37 23.65
N ARG A 280 -25.02 -12.02 23.36
CA ARG A 280 -26.15 -12.85 23.80
C ARG A 280 -26.86 -13.40 22.56
N VAL A 281 -26.78 -14.71 22.31
CA VAL A 281 -27.38 -15.21 21.05
C VAL A 281 -28.04 -16.56 21.31
N ALA A 282 -29.30 -16.74 20.97
CA ALA A 282 -29.94 -18.02 21.19
C ALA A 282 -29.42 -19.16 20.34
N ASP A 283 -28.92 -20.16 21.01
CA ASP A 283 -28.36 -21.33 20.31
C ASP A 283 -29.23 -21.71 19.11
N SER A 284 -30.54 -21.63 19.28
CA SER A 284 -31.57 -21.72 18.26
C SER A 284 -31.26 -20.89 17.01
N ASP A 285 -30.60 -19.75 17.18
CA ASP A 285 -30.33 -18.82 16.09
C ASP A 285 -28.96 -19.03 15.46
N LEU A 286 -28.14 -19.92 15.97
CA LEU A 286 -26.84 -20.20 15.39
C LEU A 286 -26.89 -21.50 14.57
N ILE A 287 -26.24 -21.50 13.41
CA ILE A 287 -26.04 -22.70 12.61
C ILE A 287 -24.57 -22.80 12.20
N ASP A 288 -24.21 -23.85 11.49
CA ASP A 288 -22.83 -24.04 11.05
C ASP A 288 -22.73 -23.96 9.53
N ILE A 289 -21.48 -23.85 9.05
CA ILE A 289 -21.28 -23.61 7.62
C ILE A 289 -21.73 -24.79 6.79
N ALA A 290 -21.78 -25.97 7.40
CA ALA A 290 -22.42 -27.09 6.72
C ALA A 290 -23.89 -26.79 6.52
N ALA A 291 -24.58 -26.47 7.63
CA ALA A 291 -25.98 -26.05 7.57
C ALA A 291 -26.13 -24.66 6.94
N ALA A 292 -25.04 -23.90 6.84
CA ALA A 292 -25.10 -22.61 6.15
C ALA A 292 -25.43 -22.81 4.69
N GLU A 293 -24.57 -23.56 3.97
CA GLU A 293 -24.81 -23.80 2.55
C GLU A 293 -26.01 -24.72 2.34
N THR A 294 -26.32 -25.55 3.34
CA THR A 294 -27.54 -26.35 3.34
C THR A 294 -28.77 -25.51 3.05
N MET A 295 -29.08 -24.59 3.97
CA MET A 295 -30.35 -23.88 3.97
C MET A 295 -30.49 -23.00 2.72
N ALA A 296 -31.69 -22.43 2.59
CA ALA A 296 -31.93 -21.41 1.59
C ALA A 296 -31.01 -20.22 1.82
N PRO A 297 -30.55 -19.56 0.77
CA PRO A 297 -29.79 -18.31 0.97
C PRO A 297 -30.50 -17.29 1.87
N ASP A 298 -31.80 -17.01 1.63
CA ASP A 298 -32.56 -15.99 2.37
C ASP A 298 -32.81 -16.36 3.82
N GLN A 299 -32.18 -17.42 4.28
CA GLN A 299 -32.30 -17.85 5.67
C GLN A 299 -31.09 -17.49 6.50
N VAL A 300 -29.97 -17.22 5.84
CA VAL A 300 -28.69 -17.16 6.53
C VAL A 300 -28.17 -15.72 6.48
N VAL A 301 -27.25 -15.46 7.41
CA VAL A 301 -26.40 -14.28 7.42
C VAL A 301 -25.07 -14.72 7.96
N LEU A 302 -24.04 -14.63 7.14
CA LEU A 302 -22.72 -15.12 7.50
C LEU A 302 -21.90 -13.96 8.04
N ILE A 303 -21.32 -14.15 9.23
CA ILE A 303 -20.47 -13.15 9.86
C ILE A 303 -19.04 -13.64 9.76
N THR A 304 -18.21 -12.91 9.01
CA THR A 304 -16.93 -13.44 8.52
C THR A 304 -15.77 -12.53 8.89
N THR A 305 -14.56 -13.07 8.73
CA THR A 305 -13.33 -12.31 8.83
C THR A 305 -12.84 -11.89 7.44
N GLY A 306 -11.91 -10.94 7.43
CA GLY A 306 -11.26 -10.55 6.18
C GLY A 306 -11.69 -9.20 5.65
N THR A 307 -11.92 -8.24 6.54
CA THR A 307 -12.30 -6.92 6.11
C THR A 307 -11.12 -6.15 5.57
N GLN A 308 -9.90 -6.62 5.84
CA GLN A 308 -8.71 -6.06 5.25
C GLN A 308 -8.18 -6.90 4.10
N GLY A 309 -8.94 -7.90 3.66
CA GLY A 309 -8.50 -8.73 2.56
C GLY A 309 -7.16 -9.36 2.79
N GLU A 310 -6.86 -9.69 4.03
CA GLU A 310 -5.63 -10.40 4.30
C GLU A 310 -5.66 -11.73 3.56
N PRO A 311 -4.58 -12.11 2.88
CA PRO A 311 -4.69 -13.13 1.82
C PRO A 311 -5.27 -14.45 2.25
N MET A 312 -4.98 -14.90 3.46
CA MET A 312 -5.43 -16.21 3.91
C MET A 312 -6.73 -16.14 4.71
N SER A 313 -7.38 -14.98 4.71
CA SER A 313 -8.57 -14.76 5.52
C SER A 313 -9.73 -15.64 5.05
N ALA A 314 -10.92 -15.38 5.58
CA ALA A 314 -12.05 -16.22 5.26
C ALA A 314 -12.77 -15.68 4.03
N LEU A 315 -13.07 -14.40 4.03
CA LEU A 315 -13.70 -13.78 2.88
C LEU A 315 -12.79 -13.85 1.68
N SER A 316 -11.53 -13.45 1.85
CA SER A 316 -10.59 -13.47 0.74
C SER A 316 -10.43 -14.86 0.13
N ARG A 317 -10.76 -15.93 0.87
CA ARG A 317 -10.83 -17.26 0.28
C ARG A 317 -12.07 -17.40 -0.60
N MET A 318 -13.24 -17.03 -0.09
CA MET A 318 -14.47 -17.17 -0.89
C MET A 318 -14.47 -16.22 -2.07
N SER A 319 -13.76 -15.09 -1.97
CA SER A 319 -13.62 -14.22 -3.12
C SER A 319 -12.92 -14.95 -4.27
N ARG A 320 -11.99 -15.84 -3.92
CA ARG A 320 -11.21 -16.58 -4.94
C ARG A 320 -11.77 -17.99 -5.17
N GLY A 321 -12.86 -18.35 -4.52
CA GLY A 321 -13.50 -19.66 -4.76
C GLY A 321 -12.74 -20.86 -4.24
N GLU A 322 -11.73 -20.65 -3.40
CA GLU A 322 -10.88 -21.69 -2.82
C GLU A 322 -11.34 -21.92 -1.40
N HIS A 323 -12.66 -21.99 -1.20
CA HIS A 323 -13.16 -22.24 0.17
C HIS A 323 -13.93 -23.53 0.17
N ARG A 324 -13.68 -24.33 1.19
CA ARG A 324 -14.42 -25.56 1.40
C ARG A 324 -15.64 -25.24 2.26
N SER A 325 -16.82 -25.61 1.77
CA SER A 325 -18.15 -25.47 2.36
C SER A 325 -18.81 -24.13 2.02
N ILE A 326 -18.17 -23.24 1.25
CA ILE A 326 -18.84 -22.03 0.78
C ILE A 326 -18.38 -21.68 -0.64
N THR A 327 -19.30 -21.09 -1.39
CA THR A 327 -19.00 -20.54 -2.71
C THR A 327 -19.97 -19.39 -2.95
N LEU A 328 -19.43 -18.26 -3.37
CA LEU A 328 -20.19 -17.03 -3.50
C LEU A 328 -20.90 -17.00 -4.85
N THR A 329 -22.21 -17.12 -4.84
CA THR A 329 -23.05 -16.76 -5.98
C THR A 329 -23.14 -15.24 -6.15
N ALA A 330 -23.68 -14.81 -7.29
CA ALA A 330 -23.96 -13.38 -7.50
C ALA A 330 -25.31 -12.95 -6.94
N GLY A 331 -26.03 -13.84 -6.27
CA GLY A 331 -27.17 -13.47 -5.45
C GLY A 331 -26.80 -13.11 -4.03
N ASP A 332 -25.51 -13.09 -3.70
CA ASP A 332 -25.06 -12.79 -2.35
C ASP A 332 -24.89 -11.29 -2.17
N LEU A 333 -25.10 -10.82 -0.94
CA LEU A 333 -24.81 -9.45 -0.55
C LEU A 333 -23.73 -9.46 0.51
N ILE A 334 -22.57 -8.90 0.20
CA ILE A 334 -21.50 -8.88 1.18
C ILE A 334 -21.23 -7.43 1.58
N VAL A 335 -21.01 -7.21 2.88
CA VAL A 335 -20.99 -5.90 3.50
C VAL A 335 -19.67 -5.73 4.24
N LEU A 336 -18.78 -4.87 3.73
CA LEU A 336 -17.51 -4.63 4.41
C LEU A 336 -17.73 -3.64 5.54
N SER A 337 -18.27 -4.18 6.64
CA SER A 337 -18.58 -3.44 7.86
C SER A 337 -17.26 -3.16 8.57
N SER A 338 -16.51 -2.20 8.05
CA SER A 338 -15.16 -1.96 8.51
C SER A 338 -14.70 -0.67 7.86
N SER A 339 -13.45 -0.34 8.12
CA SER A 339 -12.80 0.76 7.43
C SER A 339 -11.67 0.20 6.57
N LEU A 340 -10.86 1.10 6.04
CA LEU A 340 -9.76 0.76 5.14
C LEU A 340 -8.50 1.35 5.75
N ILE A 341 -7.87 0.59 6.64
CA ILE A 341 -6.62 1.03 7.27
C ILE A 341 -5.64 1.37 6.16
N PRO A 342 -5.07 2.56 6.16
CA PRO A 342 -4.04 2.89 5.16
C PRO A 342 -2.96 1.83 5.07
N GLY A 343 -2.78 1.26 3.88
CA GLY A 343 -1.84 0.19 3.64
C GLY A 343 -2.47 -1.09 3.16
N ASN A 344 -3.80 -1.22 3.24
CA ASN A 344 -4.50 -2.40 2.75
C ASN A 344 -5.53 -2.03 1.68
N GLU A 345 -5.28 -0.96 0.90
CA GLU A 345 -6.21 -0.62 -0.18
C GLU A 345 -6.17 -1.68 -1.27
N GLU A 346 -4.99 -1.86 -1.87
CA GLU A 346 -4.71 -2.90 -2.86
C GLU A 346 -5.37 -4.23 -2.48
N ALA A 347 -5.23 -4.63 -1.21
CA ALA A 347 -5.74 -5.93 -0.75
C ALA A 347 -7.27 -5.95 -0.70
N VAL A 348 -7.88 -4.92 -0.12
CA VAL A 348 -9.33 -4.89 0.00
C VAL A 348 -9.96 -4.74 -1.37
N PHE A 349 -9.49 -3.75 -2.14
CA PHE A 349 -10.07 -3.53 -3.47
C PHE A 349 -10.00 -4.80 -4.29
N GLY A 350 -8.82 -5.44 -4.32
CA GLY A 350 -8.67 -6.77 -4.84
C GLY A 350 -9.86 -7.65 -4.52
N VAL A 351 -10.19 -7.76 -3.24
CA VAL A 351 -11.28 -8.66 -2.87
C VAL A 351 -12.60 -8.09 -3.34
N ILE A 352 -12.75 -6.77 -3.32
CA ILE A 352 -14.01 -6.17 -3.77
C ILE A 352 -14.19 -6.42 -5.26
N ASP A 353 -13.11 -6.32 -6.04
CA ASP A 353 -13.16 -6.57 -7.47
C ASP A 353 -13.49 -8.03 -7.78
N ALA A 354 -12.71 -8.96 -7.21
CA ALA A 354 -13.01 -10.38 -7.33
C ALA A 354 -14.50 -10.64 -7.08
N LEU A 355 -15.03 -10.10 -5.96
CA LEU A 355 -16.45 -10.19 -5.65
C LEU A 355 -17.31 -9.58 -6.75
N SER A 356 -16.86 -8.48 -7.37
CA SER A 356 -17.64 -7.83 -8.41
C SER A 356 -17.75 -8.72 -9.66
N LYS A 357 -16.62 -9.27 -10.11
CA LYS A 357 -16.61 -10.19 -11.24
C LYS A 357 -17.57 -11.36 -11.01
N ILE A 358 -17.69 -11.82 -9.75
CA ILE A 358 -18.71 -12.80 -9.38
C ILE A 358 -20.10 -12.27 -9.68
N GLY A 359 -20.33 -10.98 -9.42
CA GLY A 359 -21.62 -10.36 -9.64
C GLY A 359 -22.41 -10.02 -8.38
N ALA A 360 -21.87 -10.29 -7.20
CA ALA A 360 -22.60 -10.03 -5.96
C ALA A 360 -22.37 -8.60 -5.50
N ARG A 361 -23.44 -7.98 -4.99
CA ARG A 361 -23.35 -6.60 -4.50
C ARG A 361 -22.39 -6.49 -3.32
N VAL A 362 -21.60 -5.43 -3.32
CA VAL A 362 -20.61 -5.19 -2.27
C VAL A 362 -20.89 -3.80 -1.74
N VAL A 363 -21.53 -3.72 -0.59
CA VAL A 363 -21.76 -2.46 0.09
C VAL A 363 -20.61 -2.25 1.05
N THR A 364 -19.79 -1.24 0.81
CA THR A 364 -18.71 -0.88 1.70
C THR A 364 -19.14 0.27 2.58
N ASN A 365 -18.23 0.75 3.44
CA ASN A 365 -18.57 1.86 4.32
C ASN A 365 -18.66 3.18 3.57
N ALA A 366 -18.31 3.21 2.29
CA ALA A 366 -18.37 4.45 1.53
C ALA A 366 -19.73 4.71 0.89
N GLN A 367 -20.62 3.71 0.85
CA GLN A 367 -21.94 3.89 0.27
C GLN A 367 -23.06 3.80 1.31
N ALA A 368 -22.70 3.51 2.56
CA ALA A 368 -23.69 3.40 3.62
C ALA A 368 -22.98 3.63 4.96
N ARG A 369 -23.79 3.71 6.01
CA ARG A 369 -23.28 3.85 7.35
C ARG A 369 -23.26 2.45 7.96
N VAL A 370 -22.19 1.72 7.67
CA VAL A 370 -22.03 0.37 8.20
C VAL A 370 -20.82 0.24 9.10
N HIS A 371 -20.09 1.31 9.34
CA HIS A 371 -18.96 1.29 10.23
C HIS A 371 -18.84 2.68 10.81
N VAL A 372 -18.34 2.76 12.04
CA VAL A 372 -17.95 4.01 12.65
C VAL A 372 -16.57 3.80 13.25
N SER A 373 -15.77 4.88 13.28
CA SER A 373 -14.45 4.89 13.90
C SER A 373 -14.52 4.42 15.35
N GLY A 374 -13.39 4.18 15.98
CA GLY A 374 -13.44 3.74 17.35
C GLY A 374 -12.60 4.64 18.18
N HIS A 375 -12.11 5.71 17.55
CA HIS A 375 -11.31 6.72 18.23
C HIS A 375 -11.99 8.07 18.09
N ALA A 376 -12.05 8.81 19.20
CA ALA A 376 -12.70 10.11 19.25
C ALA A 376 -12.20 11.06 18.18
N TYR A 377 -13.12 11.80 17.54
CA TYR A 377 -12.72 12.86 16.61
C TYR A 377 -12.27 14.07 17.42
N ALA A 378 -11.80 15.13 16.75
CA ALA A 378 -11.22 16.25 17.51
C ALA A 378 -12.24 16.96 18.38
N GLY A 379 -13.50 17.00 17.96
CA GLY A 379 -14.51 17.66 18.77
C GLY A 379 -14.85 16.89 20.02
N GLU A 380 -14.79 15.56 19.95
CA GLU A 380 -14.97 14.75 21.16
C GLU A 380 -13.81 14.94 22.14
N LEU A 381 -12.58 14.93 21.63
CA LEU A 381 -11.44 15.14 22.52
C LEU A 381 -11.55 16.46 23.26
N LEU A 382 -12.21 17.43 22.64
CA LEU A 382 -12.33 18.74 23.28
C LEU A 382 -13.25 18.68 24.50
N PHE A 383 -14.26 17.81 24.47
CA PHE A 383 -15.03 17.54 25.67
C PHE A 383 -14.17 16.92 26.77
N LEU A 384 -13.00 16.40 26.44
CA LEU A 384 -12.17 15.79 27.43
C LEU A 384 -11.18 16.80 28.00
N TYR A 385 -10.53 17.62 27.17
CA TYR A 385 -9.63 18.63 27.73
C TYR A 385 -10.41 19.62 28.58
N ASN A 386 -11.68 19.83 28.26
CA ASN A 386 -12.50 20.68 29.11
C ASN A 386 -12.93 19.92 30.36
N GLY A 387 -13.30 18.65 30.22
CA GLY A 387 -13.74 17.88 31.36
C GLY A 387 -12.63 17.56 32.36
N VAL A 388 -11.41 17.36 31.88
CA VAL A 388 -10.29 17.00 32.75
C VAL A 388 -9.50 18.23 33.16
N ARG A 389 -9.28 19.16 32.25
CA ARG A 389 -8.56 20.40 32.52
C ARG A 389 -7.12 20.15 32.97
N PRO A 390 -6.42 19.22 32.35
CA PRO A 390 -5.10 18.82 32.88
C PRO A 390 -4.09 19.94 32.82
N ARG A 391 -3.13 19.89 33.74
CA ARG A 391 -2.12 20.95 33.74
C ARG A 391 -1.10 20.72 32.63
N ASN A 392 -0.87 19.46 32.27
CA ASN A 392 0.07 19.12 31.21
C ASN A 392 -0.56 18.05 30.34
N VAL A 393 -0.26 18.12 29.04
CA VAL A 393 -0.79 17.17 28.08
C VAL A 393 0.38 16.55 27.33
N MET A 394 0.30 15.24 27.13
CA MET A 394 1.26 14.49 26.35
C MET A 394 0.47 13.56 25.44
N PRO A 395 0.52 13.76 24.12
CA PRO A 395 -0.26 12.93 23.19
C PRO A 395 0.37 11.57 22.94
N VAL A 396 -0.46 10.57 22.67
CA VAL A 396 0.04 9.18 22.46
C VAL A 396 -0.82 8.46 21.43
N HIS A 397 -0.54 7.20 21.15
CA HIS A 397 -1.32 6.37 20.21
C HIS A 397 -1.47 7.03 18.85
N GLY A 398 -0.47 7.72 18.33
CA GLY A 398 -0.71 8.32 17.02
C GLY A 398 0.57 8.62 16.28
N THR A 399 0.42 9.02 15.02
CA THR A 399 1.52 9.37 14.10
C THR A 399 1.87 10.82 14.32
N TRP A 400 2.76 11.34 13.54
CA TRP A 400 3.28 12.66 13.88
C TRP A 400 2.33 13.77 13.44
N ARG A 401 1.68 13.63 12.29
CA ARG A 401 0.64 14.59 11.97
C ARG A 401 -0.54 14.50 12.93
N MET A 402 -0.74 13.34 13.54
CA MET A 402 -1.77 13.20 14.56
C MET A 402 -1.34 13.80 15.90
N LEU A 403 -0.05 13.78 16.21
CA LEU A 403 0.38 14.42 17.46
C LEU A 403 0.26 15.92 17.35
N ARG A 404 0.73 16.51 16.25
CA ARG A 404 0.68 17.97 16.14
C ARG A 404 -0.75 18.46 16.20
N ALA A 405 -1.68 17.69 15.66
CA ALA A 405 -3.10 18.00 15.80
C ALA A 405 -3.50 17.98 17.26
N ASN A 406 -3.34 16.84 17.91
CA ASN A 406 -3.78 16.67 19.29
C ASN A 406 -3.11 17.67 20.22
N ALA A 407 -1.87 18.05 19.91
CA ALA A 407 -1.23 19.10 20.69
C ALA A 407 -1.90 20.45 20.45
N LYS A 408 -2.32 20.70 19.22
CA LYS A 408 -2.97 21.97 18.94
C LYS A 408 -4.33 22.07 19.65
N LEU A 409 -5.08 20.96 19.69
CA LEU A 409 -6.34 20.93 20.42
C LEU A 409 -6.13 21.38 21.85
N ALA A 410 -5.12 20.81 22.49
CA ALA A 410 -4.87 21.05 23.90
C ALA A 410 -4.37 22.46 24.16
N ALA A 411 -3.74 23.11 23.17
CA ALA A 411 -3.40 24.51 23.38
C ALA A 411 -4.64 25.38 23.23
N SER A 412 -5.37 25.18 22.13
CA SER A 412 -6.62 25.90 21.95
C SER A 412 -7.55 25.76 23.15
N THR A 413 -7.34 24.77 24.03
CA THR A 413 -8.31 24.56 25.09
C THR A 413 -7.80 25.15 26.40
N GLY A 414 -6.60 25.71 26.41
CA GLY A 414 -6.10 26.42 27.58
C GLY A 414 -4.76 25.95 28.10
N VAL A 415 -4.37 24.72 27.78
CA VAL A 415 -3.06 24.23 28.26
C VAL A 415 -1.95 25.07 27.63
N PRO A 416 -0.99 25.57 28.40
CA PRO A 416 0.08 26.39 27.81
C PRO A 416 0.90 25.55 26.85
N GLN A 417 1.48 26.23 25.84
CA GLN A 417 2.39 25.56 24.93
C GLN A 417 3.51 24.85 25.67
N GLU A 418 4.05 25.49 26.72
CA GLU A 418 5.13 24.89 27.50
C GLU A 418 4.69 23.57 28.14
N SER A 419 3.41 23.47 28.50
CA SER A 419 2.91 22.30 29.20
C SER A 419 2.48 21.17 28.26
N ILE A 420 2.45 21.41 26.96
CA ILE A 420 2.10 20.37 25.99
C ILE A 420 3.41 19.76 25.51
N LEU A 421 3.57 18.46 25.71
CA LEU A 421 4.86 17.77 25.58
C LEU A 421 4.77 16.71 24.49
N LEU A 422 5.46 16.98 23.39
CA LEU A 422 5.54 16.05 22.26
C LEU A 422 6.77 15.18 22.45
N ALA A 423 6.59 14.08 23.17
CA ALA A 423 7.68 13.18 23.53
C ALA A 423 7.60 11.89 22.71
N GLU A 424 8.44 11.81 21.68
CA GLU A 424 8.52 10.66 20.77
C GLU A 424 8.82 9.33 21.48
N ASN A 425 8.89 8.22 20.74
CA ASN A 425 9.30 6.94 21.32
C ASN A 425 10.68 7.08 21.96
N GLY A 426 10.84 6.49 23.14
CA GLY A 426 12.09 6.60 23.86
C GLY A 426 12.46 7.98 24.35
N VAL A 427 11.65 8.99 24.11
CA VAL A 427 11.86 10.32 24.67
C VAL A 427 11.19 10.40 26.03
N SER A 428 11.85 11.02 26.99
CA SER A 428 11.37 11.00 28.36
C SER A 428 10.71 12.32 28.74
N VAL A 429 9.76 12.23 29.66
CA VAL A 429 9.09 13.38 30.25
C VAL A 429 9.10 13.20 31.76
N ASP A 430 9.56 14.23 32.47
CA ASP A 430 9.79 14.17 33.91
C ASP A 430 8.79 15.09 34.64
N LEU A 431 7.82 14.47 35.30
CA LEU A 431 6.97 15.15 36.27
C LEU A 431 7.71 15.09 37.61
N VAL A 432 8.29 16.20 38.02
CA VAL A 432 9.07 16.27 39.27
C VAL A 432 8.44 17.35 40.15
N ALA A 433 7.52 16.92 41.01
CA ALA A 433 6.75 17.82 41.85
C ALA A 433 6.06 18.88 40.98
N GLY A 434 5.02 18.43 40.31
CA GLY A 434 4.15 19.36 39.62
C GLY A 434 4.57 19.76 38.22
N LYS A 435 5.84 20.12 38.03
CA LYS A 435 6.28 20.57 36.72
C LYS A 435 6.51 19.38 35.79
N ALA A 436 6.29 19.60 34.50
CA ALA A 436 6.50 18.57 33.50
C ALA A 436 7.38 19.13 32.39
N SER A 437 8.25 18.27 31.86
CA SER A 437 9.30 18.72 30.95
C SER A 437 9.90 17.48 30.32
N ILE A 438 10.50 17.67 29.14
CA ILE A 438 11.17 16.58 28.45
C ILE A 438 12.61 16.52 28.94
N SER A 439 13.02 15.37 29.48
CA SER A 439 14.32 15.23 30.11
C SER A 439 15.36 14.51 29.22
N GLY A 440 15.18 14.51 27.90
CA GLY A 440 16.12 13.86 27.03
C GLY A 440 15.52 12.62 26.38
N ALA A 441 16.36 11.94 25.58
CA ALA A 441 15.95 10.84 24.75
C ALA A 441 16.97 9.72 24.82
N VAL A 442 16.57 8.54 24.36
CA VAL A 442 17.45 7.39 24.30
C VAL A 442 17.16 6.67 22.98
N PRO A 443 18.15 6.10 22.30
CA PRO A 443 17.85 5.41 21.04
C PRO A 443 16.94 4.20 21.27
N VAL A 444 15.95 4.07 20.40
CA VAL A 444 14.90 3.06 20.51
C VAL A 444 14.49 2.64 19.10
N GLY A 445 14.21 1.35 18.93
CA GLY A 445 13.95 0.84 17.59
C GLY A 445 12.93 -0.27 17.52
N LYS A 446 12.98 -1.05 16.44
CA LYS A 446 11.93 -1.99 16.07
C LYS A 446 12.43 -3.41 16.33
N MET A 447 11.93 -4.02 17.40
CA MET A 447 12.23 -5.43 17.67
C MET A 447 11.42 -6.28 16.71
N PHE A 448 12.07 -6.89 15.72
CA PHE A 448 11.38 -7.74 14.76
C PHE A 448 11.26 -9.17 15.27
N VAL A 449 10.17 -9.83 14.90
CA VAL A 449 9.96 -11.24 15.22
C VAL A 449 9.82 -11.99 13.89
N ASP A 450 10.90 -12.58 13.45
CA ASP A 450 10.91 -13.49 12.31
C ASP A 450 11.01 -14.90 12.89
N GLY A 451 10.04 -15.75 12.55
CA GLY A 451 10.07 -17.13 13.01
C GLY A 451 10.30 -17.29 14.50
N LEU A 452 11.35 -18.01 14.89
CA LEU A 452 11.55 -18.38 16.29
C LEU A 452 12.75 -17.71 16.94
N ILE A 453 13.11 -16.53 16.50
CA ILE A 453 14.23 -15.88 17.14
C ILE A 453 14.08 -14.37 17.21
N ALA A 454 14.90 -13.70 18.00
CA ALA A 454 14.80 -12.26 18.12
C ALA A 454 16.16 -11.60 18.23
N GLY A 455 16.21 -10.29 18.03
CA GLY A 455 17.48 -9.58 18.08
C GLY A 455 18.35 -10.02 16.93
N ASP A 456 17.88 -11.01 16.19
CA ASP A 456 18.53 -11.61 15.06
C ASP A 456 18.37 -10.81 13.77
N VAL A 457 17.19 -10.29 13.48
CA VAL A 457 16.99 -9.49 12.28
C VAL A 457 17.05 -8.03 12.61
N GLY A 458 17.41 -7.20 11.65
CA GLY A 458 17.55 -5.79 11.91
C GLY A 458 17.65 -4.88 10.71
N ASP A 459 18.30 -3.76 10.87
CA ASP A 459 18.32 -2.83 9.74
C ASP A 459 18.95 -3.46 8.51
N ILE A 460 20.16 -4.00 8.66
CA ILE A 460 20.90 -4.42 7.48
C ILE A 460 20.38 -5.72 6.91
N THR A 461 19.87 -6.64 7.73
CA THR A 461 19.15 -7.78 7.18
C THR A 461 18.01 -7.32 6.30
N LEU A 462 17.21 -6.39 6.80
CA LEU A 462 16.04 -5.94 6.05
C LEU A 462 16.48 -5.26 4.75
N GLY A 463 17.44 -4.34 4.83
CA GLY A 463 17.96 -3.71 3.65
C GLY A 463 18.44 -4.68 2.59
N GLU A 464 18.96 -5.84 3.01
CA GLU A 464 19.29 -6.88 2.04
C GLU A 464 18.03 -7.44 1.40
N ARG A 465 17.03 -7.81 2.22
CA ARG A 465 15.80 -8.37 1.66
C ARG A 465 15.13 -7.41 0.71
N LEU A 466 15.39 -6.11 0.85
CA LEU A 466 14.85 -5.15 -0.09
C LEU A 466 15.62 -5.20 -1.41
N ILE A 467 16.95 -5.29 -1.34
CA ILE A 467 17.75 -5.43 -2.55
C ILE A 467 17.40 -6.71 -3.27
N LEU A 468 17.25 -7.79 -2.54
CA LEU A 468 16.92 -9.00 -3.26
C LEU A 468 15.60 -8.94 -3.96
N SER A 469 14.79 -7.88 -4.02
CA SER A 469 13.60 -7.89 -4.88
C SER A 469 13.96 -8.03 -6.35
N SER A 470 15.19 -7.71 -6.72
CA SER A 470 15.69 -7.82 -8.08
C SER A 470 16.74 -8.92 -8.20
N GLY A 471 16.67 -9.94 -7.35
CA GLY A 471 17.56 -11.10 -7.39
C GLY A 471 18.98 -10.84 -6.91
N PHE A 472 19.79 -11.89 -7.01
CA PHE A 472 21.24 -11.82 -6.83
C PHE A 472 21.89 -12.52 -8.01
N VAL A 473 23.18 -12.23 -8.23
CA VAL A 473 24.03 -13.09 -9.04
C VAL A 473 25.24 -13.46 -8.20
N ALA A 474 25.53 -14.77 -8.15
CA ALA A 474 26.68 -15.28 -7.44
C ALA A 474 27.78 -15.63 -8.45
N VAL A 475 28.95 -15.01 -8.30
CA VAL A 475 30.17 -15.44 -9.01
C VAL A 475 31.07 -16.17 -8.02
N THR A 476 31.47 -17.40 -8.37
CA THR A 476 32.18 -18.28 -7.45
C THR A 476 33.53 -18.67 -8.04
N VAL A 477 34.60 -18.31 -7.34
CA VAL A 477 35.97 -18.54 -7.79
C VAL A 477 36.64 -19.52 -6.84
N VAL A 478 37.32 -20.55 -7.40
CA VAL A 478 38.20 -21.43 -6.63
C VAL A 478 39.63 -21.01 -6.89
N VAL A 479 40.44 -20.93 -5.85
CA VAL A 479 41.82 -20.45 -5.98
C VAL A 479 42.73 -21.42 -5.25
N ARG A 480 43.99 -21.51 -5.68
CA ARG A 480 44.95 -22.29 -4.89
C ARG A 480 45.49 -21.46 -3.74
N ARG A 481 45.43 -22.02 -2.53
CA ARG A 481 45.62 -21.23 -1.32
C ARG A 481 46.95 -20.49 -1.34
N GLY A 482 46.93 -19.23 -0.94
CA GLY A 482 48.12 -18.44 -0.84
C GLY A 482 48.58 -17.78 -2.13
N THR A 483 48.23 -18.35 -3.28
CA THR A 483 48.74 -17.86 -4.55
C THR A 483 47.87 -16.80 -5.20
N GLY A 484 46.56 -16.90 -5.07
CA GLY A 484 45.67 -16.14 -5.92
C GLY A 484 45.50 -16.73 -7.31
N GLN A 485 46.01 -17.95 -7.56
CA GLN A 485 45.95 -18.54 -8.89
C GLN A 485 44.66 -19.33 -9.06
N PRO A 486 43.80 -18.99 -10.02
CA PRO A 486 42.54 -19.74 -10.21
C PRO A 486 42.74 -21.13 -10.77
N LEU A 487 41.83 -22.02 -10.37
CA LEU A 487 41.95 -23.45 -10.60
C LEU A 487 40.78 -24.04 -11.37
N ALA A 488 39.73 -23.28 -11.61
CA ALA A 488 38.61 -23.68 -12.46
C ALA A 488 38.10 -22.42 -13.14
N ALA A 489 37.10 -22.56 -13.98
CA ALA A 489 36.60 -21.28 -14.45
C ALA A 489 35.45 -20.82 -13.57
N PRO A 490 35.20 -19.51 -13.50
CA PRO A 490 34.12 -19.00 -12.64
C PRO A 490 32.80 -19.70 -12.88
N HIS A 491 31.98 -19.74 -11.83
CA HIS A 491 30.74 -20.50 -11.80
C HIS A 491 29.63 -19.52 -11.45
N LEU A 492 29.01 -18.93 -12.47
CA LEU A 492 28.01 -17.87 -12.26
C LEU A 492 26.62 -18.46 -12.12
N HIS A 493 25.84 -17.94 -11.18
CA HIS A 493 24.42 -18.36 -11.05
C HIS A 493 23.54 -17.17 -10.67
N SER A 494 22.23 -17.31 -10.60
CA SER A 494 21.47 -16.05 -10.51
C SER A 494 20.22 -16.06 -9.64
N ARG A 495 19.28 -16.96 -9.90
CA ARG A 495 18.08 -16.93 -9.07
C ARG A 495 17.06 -15.87 -8.68
N GLY A 496 16.22 -15.46 -9.61
CA GLY A 496 15.50 -14.22 -9.59
C GLY A 496 16.17 -13.10 -10.34
N PHE A 497 16.73 -13.44 -11.48
CA PHE A 497 17.36 -12.47 -12.36
C PHE A 497 16.92 -12.62 -13.79
N SER A 498 16.84 -13.86 -14.29
CA SER A 498 16.45 -14.12 -15.67
C SER A 498 16.09 -15.59 -15.77
N GLU A 499 15.38 -15.93 -16.83
CA GLU A 499 15.08 -17.31 -17.14
C GLU A 499 15.80 -17.77 -18.39
N ASP A 500 16.58 -16.87 -19.03
CA ASP A 500 17.46 -17.10 -20.16
C ASP A 500 18.62 -17.96 -19.67
N PRO A 501 18.58 -19.28 -19.87
CA PRO A 501 19.58 -20.15 -19.21
C PRO A 501 21.01 -19.77 -19.54
N LYS A 502 21.26 -19.22 -20.73
CA LYS A 502 22.58 -18.75 -21.13
C LYS A 502 22.73 -17.25 -20.93
N ALA A 503 22.16 -16.71 -19.85
CA ALA A 503 22.20 -15.27 -19.68
C ALA A 503 23.55 -14.81 -19.16
N LEU A 504 24.17 -15.61 -18.29
CA LEU A 504 25.42 -15.17 -17.68
C LEU A 504 26.63 -15.48 -18.55
N GLU A 505 26.50 -16.39 -19.51
CA GLU A 505 27.63 -16.83 -20.34
C GLU A 505 28.55 -15.69 -20.81
N PRO A 506 28.07 -14.56 -21.33
CA PRO A 506 29.01 -13.49 -21.67
C PRO A 506 29.94 -13.10 -20.52
N ALA A 507 29.50 -13.32 -19.29
CA ALA A 507 30.24 -12.79 -18.15
C ALA A 507 31.31 -13.74 -17.62
N VAL A 508 31.19 -15.05 -17.84
CA VAL A 508 32.28 -15.91 -17.41
C VAL A 508 33.57 -15.51 -18.10
N ARG A 509 33.52 -15.23 -19.41
CA ARG A 509 34.69 -14.74 -20.14
C ARG A 509 35.14 -13.35 -19.70
N LYS A 510 34.29 -12.61 -18.97
CA LYS A 510 34.65 -11.29 -18.49
C LYS A 510 35.33 -11.32 -17.14
N VAL A 511 34.98 -12.32 -16.31
CA VAL A 511 35.62 -12.47 -15.00
C VAL A 511 36.90 -13.31 -15.09
N GLU A 512 36.98 -14.22 -16.07
CA GLU A 512 38.26 -14.87 -16.35
C GLU A 512 39.33 -13.85 -16.69
N ALA A 513 39.00 -12.89 -17.55
CA ALA A 513 39.97 -11.88 -17.95
C ALA A 513 40.41 -11.03 -16.77
N GLU A 514 39.56 -10.90 -15.74
CA GLU A 514 39.88 -10.11 -14.57
C GLU A 514 40.50 -10.95 -13.47
N LEU A 515 40.21 -12.25 -13.44
CA LEU A 515 41.08 -13.17 -12.71
C LEU A 515 42.46 -13.21 -13.37
N GLU A 516 42.50 -13.26 -14.70
CA GLU A 516 43.78 -13.19 -15.39
C GLU A 516 44.46 -11.84 -15.21
N SER A 517 43.69 -10.80 -14.82
CA SER A 517 44.26 -9.47 -14.58
C SER A 517 44.81 -9.30 -13.17
N LEU A 518 44.34 -10.12 -12.24
CA LEU A 518 44.84 -10.08 -10.87
C LEU A 518 46.01 -11.04 -10.65
N VAL A 519 46.10 -12.12 -11.44
CA VAL A 519 47.25 -13.02 -11.33
C VAL A 519 48.51 -12.32 -11.81
N ALA A 520 48.37 -11.47 -12.85
CA ALA A 520 49.48 -10.61 -13.25
C ALA A 520 49.77 -9.57 -12.18
N ALA A 521 48.74 -9.06 -11.52
CA ALA A 521 48.98 -8.20 -10.36
C ALA A 521 49.67 -8.96 -9.23
N ASN A 522 49.70 -10.29 -9.30
CA ASN A 522 50.21 -11.14 -8.23
C ASN A 522 49.60 -10.76 -6.88
N VAL A 523 48.31 -10.39 -6.91
CA VAL A 523 47.54 -10.12 -5.69
C VAL A 523 46.84 -11.41 -5.27
N THR A 524 47.11 -11.83 -4.03
CA THR A 524 46.76 -13.16 -3.59
C THR A 524 45.71 -13.19 -2.50
N ASP A 525 45.32 -12.03 -1.97
CA ASP A 525 44.31 -11.90 -0.92
C ASP A 525 42.93 -12.33 -1.40
N PRO A 526 42.28 -13.29 -0.72
CA PRO A 526 40.91 -13.63 -1.11
C PRO A 526 39.90 -12.50 -0.94
N ILE A 527 40.02 -11.69 0.12
CA ILE A 527 39.15 -10.52 0.25
C ILE A 527 39.24 -9.65 -0.99
N ARG A 528 40.47 -9.33 -1.42
CA ARG A 528 40.65 -8.34 -2.48
C ARG A 528 40.29 -8.90 -3.86
N ILE A 529 40.56 -10.19 -4.09
CA ILE A 529 40.22 -10.79 -5.38
C ILE A 529 38.71 -10.91 -5.52
N ALA A 530 38.01 -11.19 -4.41
CA ALA A 530 36.55 -11.22 -4.41
C ALA A 530 35.94 -9.83 -4.53
N GLN A 531 36.67 -8.78 -4.13
CA GLN A 531 36.24 -7.44 -4.48
C GLN A 531 36.28 -7.22 -5.99
N GLY A 532 37.33 -7.69 -6.65
CA GLY A 532 37.48 -7.45 -8.08
C GLY A 532 36.56 -8.30 -8.93
N VAL A 533 36.35 -9.56 -8.52
CA VAL A 533 35.47 -10.44 -9.27
C VAL A 533 34.01 -10.05 -9.12
N ARG A 534 33.71 -9.08 -8.26
CA ARG A 534 32.36 -8.59 -8.06
C ARG A 534 32.11 -7.29 -8.80
N ARG A 535 32.98 -6.29 -8.63
CA ARG A 535 32.82 -5.04 -9.35
C ARG A 535 32.83 -5.26 -10.86
N THR A 536 33.48 -6.33 -11.34
CA THR A 536 33.43 -6.67 -12.75
C THR A 536 32.04 -7.17 -13.14
N VAL A 537 31.60 -8.29 -12.57
CA VAL A 537 30.27 -8.83 -12.90
C VAL A 537 29.15 -7.90 -12.48
N GLY A 538 29.41 -7.01 -11.52
CA GLY A 538 28.38 -6.07 -11.10
C GLY A 538 28.17 -4.94 -12.07
N LYS A 539 29.21 -4.58 -12.82
CA LYS A 539 29.05 -3.57 -13.84
C LYS A 539 28.98 -4.19 -15.23
N TRP A 540 28.91 -5.52 -15.32
CA TRP A 540 28.41 -6.10 -16.55
C TRP A 540 26.90 -6.21 -16.54
N VAL A 541 26.30 -6.42 -15.37
CA VAL A 541 24.84 -6.42 -15.35
C VAL A 541 24.30 -5.02 -15.57
N GLY A 542 25.00 -4.00 -15.04
CA GLY A 542 24.53 -2.64 -15.24
C GLY A 542 24.57 -2.23 -16.71
N GLU A 543 25.72 -2.39 -17.33
CA GLU A 543 25.91 -2.15 -18.76
C GLU A 543 24.93 -2.95 -19.61
N THR A 544 25.10 -4.27 -19.64
CA THR A 544 24.33 -5.13 -20.54
C THR A 544 22.84 -5.12 -20.24
N TYR A 545 22.48 -5.21 -18.98
CA TYR A 545 21.07 -5.37 -18.65
C TYR A 545 20.41 -4.27 -17.94
N ARG A 546 21.17 -3.47 -17.22
CA ARG A 546 20.58 -2.42 -16.43
C ARG A 546 19.49 -3.02 -15.56
N ARG A 547 19.89 -3.87 -14.63
CA ARG A 547 19.03 -4.52 -13.69
C ARG A 547 19.95 -4.28 -12.54
N GLN A 548 19.47 -4.35 -11.32
CA GLN A 548 20.34 -4.07 -10.19
C GLN A 548 20.22 -5.08 -9.09
N PRO A 549 20.70 -6.28 -9.36
CA PRO A 549 20.62 -7.35 -8.39
C PRO A 549 21.80 -7.23 -7.43
N MET A 550 21.80 -8.10 -6.42
CA MET A 550 22.94 -8.16 -5.52
C MET A 550 24.05 -8.99 -6.16
N ILE A 551 25.28 -8.61 -5.87
CA ILE A 551 26.46 -9.31 -6.37
C ILE A 551 27.15 -10.01 -5.20
N VAL A 552 27.16 -11.34 -5.21
CA VAL A 552 27.75 -12.08 -4.08
C VAL A 552 29.02 -12.81 -4.53
N PRO A 553 30.20 -12.24 -4.35
CA PRO A 553 31.42 -12.98 -4.64
C PRO A 553 31.69 -13.99 -3.54
N THR A 554 32.26 -15.13 -3.94
CA THR A 554 32.77 -16.11 -2.99
C THR A 554 34.07 -16.64 -3.58
N VAL A 555 35.17 -16.61 -2.83
CA VAL A 555 36.44 -17.15 -3.33
C VAL A 555 36.93 -18.21 -2.34
N ILE A 556 36.77 -19.47 -2.71
CA ILE A 556 37.20 -20.58 -1.87
C ILE A 556 38.63 -20.92 -2.26
N GLU A 557 39.57 -20.87 -1.30
CA GLU A 557 40.95 -21.20 -1.66
C GLU A 557 41.32 -22.62 -1.20
N VAL A 558 42.17 -23.24 -2.01
CA VAL A 558 42.37 -24.68 -2.10
C VAL A 558 43.80 -24.93 -2.51
N LEU B 5 -15.56 -18.40 -22.87
CA LEU B 5 -14.22 -18.86 -22.48
C LEU B 5 -13.31 -19.40 -23.63
N PRO B 6 -13.86 -19.92 -24.74
CA PRO B 6 -12.98 -20.41 -25.86
C PRO B 6 -12.75 -19.35 -26.92
N PRO B 7 -11.64 -19.44 -27.67
CA PRO B 7 -11.29 -18.36 -28.59
C PRO B 7 -12.35 -18.14 -29.63
N PRO B 8 -12.46 -16.92 -30.17
CA PRO B 8 -13.61 -16.57 -31.00
C PRO B 8 -13.52 -17.19 -32.37
N GLY B 9 -14.68 -17.32 -33.00
CA GLY B 9 -14.74 -17.78 -34.37
C GLY B 9 -14.03 -16.79 -35.28
N PRO B 10 -14.04 -17.09 -36.57
CA PRO B 10 -13.52 -16.11 -37.53
C PRO B 10 -14.55 -15.01 -37.68
N LEU B 11 -14.09 -13.79 -37.83
CA LEU B 11 -15.01 -12.65 -37.75
C LEU B 11 -15.87 -12.55 -39.02
N THR B 12 -17.19 -12.70 -38.88
CA THR B 12 -18.11 -12.54 -39.99
C THR B 12 -17.73 -11.34 -40.82
N SER B 13 -17.42 -11.59 -42.09
CA SER B 13 -17.05 -10.52 -42.99
C SER B 13 -18.11 -9.43 -42.95
N GLY B 14 -17.67 -8.21 -42.66
CA GLY B 14 -18.55 -7.07 -42.61
C GLY B 14 -18.89 -6.59 -41.22
N GLY B 15 -18.21 -7.12 -40.20
CA GLY B 15 -18.44 -6.73 -38.83
C GLY B 15 -17.16 -6.23 -38.18
N LEU B 16 -17.32 -5.65 -37.01
CA LEU B 16 -16.19 -5.21 -36.22
C LEU B 16 -15.96 -6.21 -35.13
N ARG B 17 -14.69 -6.55 -34.91
CA ARG B 17 -14.26 -7.22 -33.70
C ARG B 17 -13.48 -6.22 -32.89
N VAL B 18 -13.93 -5.98 -31.65
CA VAL B 18 -13.27 -5.10 -30.71
C VAL B 18 -12.81 -5.89 -29.50
N THR B 19 -11.52 -5.76 -29.17
CA THR B 19 -10.87 -6.59 -28.17
C THR B 19 -9.83 -5.73 -27.46
N ALA B 20 -9.79 -5.84 -26.13
CA ALA B 20 -8.86 -5.06 -25.33
C ALA B 20 -7.69 -5.91 -24.89
N LEU B 21 -6.50 -5.33 -24.93
CA LEU B 21 -5.29 -6.03 -24.53
C LEU B 21 -4.72 -5.44 -23.25
N GLY B 22 -5.57 -4.94 -22.37
CA GLY B 22 -5.11 -4.22 -21.20
C GLY B 22 -5.96 -3.00 -20.87
N GLY B 23 -6.30 -2.89 -19.59
CA GLY B 23 -7.08 -1.77 -19.07
C GLY B 23 -8.50 -2.13 -18.71
N ILE B 24 -8.95 -3.36 -18.95
CA ILE B 24 -10.38 -3.70 -18.73
C ILE B 24 -10.59 -4.49 -17.45
N ASN B 25 -9.53 -4.82 -16.76
CA ASN B 25 -9.68 -5.42 -15.42
C ASN B 25 -8.75 -4.70 -14.45
N GLU B 26 -8.07 -3.67 -14.94
CA GLU B 26 -7.10 -2.87 -14.19
C GLU B 26 -7.35 -1.39 -14.44
N ILE B 27 -6.37 -0.57 -14.17
CA ILE B 27 -6.39 0.89 -14.44
C ILE B 27 -4.97 1.15 -14.91
N GLY B 28 -4.75 1.14 -16.21
CA GLY B 28 -3.44 1.21 -16.82
C GLY B 28 -3.29 0.18 -17.91
N ARG B 29 -2.16 0.29 -18.62
CA ARG B 29 -1.83 -0.47 -19.82
C ARG B 29 -3.03 -0.54 -20.79
N ASN B 30 -3.62 0.61 -21.06
CA ASN B 30 -4.74 0.70 -21.98
C ASN B 30 -4.31 0.42 -23.43
N MET B 31 -5.02 -0.50 -24.08
CA MET B 31 -4.81 -0.81 -25.48
C MET B 31 -5.98 -1.66 -25.96
N THR B 32 -6.73 -1.14 -26.93
CA THR B 32 -7.90 -1.81 -27.49
C THR B 32 -7.77 -1.92 -29.01
N VAL B 33 -8.14 -3.09 -29.54
CA VAL B 33 -7.86 -3.49 -30.92
C VAL B 33 -9.17 -3.72 -31.65
N PHE B 34 -9.35 -3.04 -32.79
CA PHE B 34 -10.54 -3.15 -33.63
C PHE B 34 -10.14 -3.74 -34.98
N GLU B 35 -10.79 -4.84 -35.37
CA GLU B 35 -10.53 -5.41 -36.69
C GLU B 35 -11.81 -5.39 -37.54
N HIS B 36 -11.65 -4.91 -38.77
CA HIS B 36 -12.71 -4.93 -39.78
C HIS B 36 -12.15 -5.39 -41.13
N LEU B 37 -12.57 -6.58 -41.57
CA LEU B 37 -12.04 -7.20 -42.78
C LEU B 37 -10.50 -7.28 -42.72
N GLY B 38 -10.02 -8.09 -41.78
CA GLY B 38 -8.60 -8.35 -41.67
C GLY B 38 -7.69 -7.18 -41.33
N ARG B 39 -8.21 -5.96 -41.34
CA ARG B 39 -7.45 -4.78 -40.99
C ARG B 39 -7.72 -4.34 -39.55
N LEU B 40 -6.73 -3.67 -38.94
CA LEU B 40 -6.68 -3.49 -37.49
C LEU B 40 -6.45 -2.02 -37.20
N LEU B 41 -7.28 -1.47 -36.31
CA LEU B 41 -7.08 -0.15 -35.72
C LEU B 41 -6.85 -0.31 -34.23
N ILE B 42 -5.87 0.39 -33.69
CA ILE B 42 -5.54 0.35 -32.27
C ILE B 42 -5.80 1.73 -31.65
N ILE B 43 -6.49 1.76 -30.50
CA ILE B 43 -6.67 2.98 -29.72
C ILE B 43 -5.92 2.84 -28.41
N ASP B 44 -5.10 3.85 -28.09
CA ASP B 44 -4.28 3.86 -26.87
C ASP B 44 -3.21 2.76 -26.87
N CYS B 45 -2.14 2.99 -26.13
CA CYS B 45 -1.10 1.97 -25.93
C CYS B 45 -0.24 2.39 -24.74
N GLY B 46 -0.77 2.19 -23.53
CA GLY B 46 -0.14 2.63 -22.32
C GLY B 46 0.47 1.51 -21.50
N VAL B 47 0.93 1.87 -20.30
CA VAL B 47 1.62 0.95 -19.40
C VAL B 47 0.78 0.77 -18.15
N LEU B 48 1.05 -0.33 -17.44
CA LEU B 48 0.63 -0.50 -16.06
C LEU B 48 1.77 -0.05 -15.14
N PHE B 49 1.68 -0.41 -13.87
CA PHE B 49 2.79 -0.19 -13.01
C PHE B 49 2.85 -1.34 -12.02
N PRO B 50 4.07 -1.81 -11.72
CA PRO B 50 4.21 -3.06 -10.96
C PRO B 50 3.89 -2.83 -9.50
N GLY B 51 3.19 -3.80 -8.92
CA GLY B 51 2.78 -3.73 -7.53
C GLY B 51 3.67 -4.51 -6.59
N HIS B 52 3.07 -5.03 -5.54
CA HIS B 52 3.77 -6.00 -4.71
C HIS B 52 4.03 -7.28 -5.50
N ASP B 53 3.00 -7.80 -6.18
CA ASP B 53 3.10 -9.10 -6.82
C ASP B 53 4.06 -9.13 -8.01
N GLU B 54 4.63 -7.99 -8.41
CA GLU B 54 5.51 -7.88 -9.56
C GLU B 54 6.75 -7.12 -9.10
N PRO B 55 7.75 -7.82 -8.48
CA PRO B 55 8.72 -7.14 -7.58
C PRO B 55 9.95 -6.53 -8.22
N GLY B 56 10.36 -6.97 -9.40
CA GLY B 56 11.62 -6.43 -9.89
C GLY B 56 11.49 -5.52 -11.09
N VAL B 57 10.27 -5.45 -11.64
CA VAL B 57 10.04 -4.97 -13.00
C VAL B 57 9.78 -3.46 -13.00
N ASP B 58 10.11 -2.84 -14.13
CA ASP B 58 9.88 -1.40 -14.33
C ASP B 58 8.43 -1.09 -14.63
N LEU B 59 7.88 -1.72 -15.67
CA LEU B 59 6.62 -1.35 -16.29
C LEU B 59 5.94 -2.60 -16.80
N ILE B 60 4.66 -2.67 -16.67
CA ILE B 60 3.89 -3.73 -17.31
C ILE B 60 3.32 -3.20 -18.61
N LEU B 61 3.18 -4.06 -19.61
CA LEU B 61 2.72 -3.62 -20.92
C LEU B 61 1.46 -4.39 -21.28
N PRO B 62 0.75 -4.01 -22.34
CA PRO B 62 -0.37 -4.77 -22.77
C PRO B 62 0.18 -6.03 -23.42
N ASP B 63 -0.58 -7.11 -23.41
CA ASP B 63 -0.08 -8.37 -23.97
C ASP B 63 -0.17 -8.34 -25.47
N MET B 64 0.77 -7.67 -26.15
CA MET B 64 0.76 -7.61 -27.63
C MET B 64 1.36 -8.88 -28.24
N ARG B 65 0.72 -10.02 -28.07
CA ARG B 65 1.19 -11.29 -28.66
C ARG B 65 0.23 -11.66 -29.77
N HIS B 66 -0.77 -10.82 -30.03
CA HIS B 66 -1.75 -11.12 -31.10
C HIS B 66 -1.45 -10.14 -32.21
N VAL B 67 -1.09 -8.93 -31.84
CA VAL B 67 -0.65 -7.96 -32.84
C VAL B 67 0.72 -8.48 -33.19
N GLU B 68 1.34 -9.11 -32.21
CA GLU B 68 2.69 -9.64 -32.38
C GLU B 68 3.08 -9.98 -33.81
N ASP B 69 2.30 -10.85 -34.45
CA ASP B 69 2.59 -11.35 -35.78
C ASP B 69 1.63 -10.80 -36.85
N ARG B 70 0.97 -9.66 -36.55
CA ARG B 70 0.00 -9.02 -37.44
C ARG B 70 0.39 -7.59 -37.76
N LEU B 71 1.65 -7.22 -37.50
CA LEU B 71 2.05 -5.80 -37.49
C LEU B 71 1.67 -5.07 -38.78
N ASP B 72 1.68 -5.76 -39.92
CA ASP B 72 1.29 -5.09 -41.16
C ASP B 72 -0.21 -5.03 -41.37
N ASP B 73 -0.98 -5.64 -40.49
CA ASP B 73 -2.42 -5.48 -40.58
C ASP B 73 -2.92 -4.26 -39.82
N ILE B 74 -2.10 -3.56 -39.05
CA ILE B 74 -2.62 -2.41 -38.31
C ILE B 74 -2.40 -1.16 -39.14
N GLU B 75 -3.49 -0.39 -39.29
CA GLU B 75 -3.59 0.79 -40.14
C GLU B 75 -3.10 2.03 -39.41
N ALA B 76 -3.55 2.25 -38.19
CA ALA B 76 -2.93 3.27 -37.35
C ALA B 76 -3.25 3.01 -35.89
N LEU B 77 -2.50 3.71 -35.05
CA LEU B 77 -2.69 3.72 -33.61
C LEU B 77 -3.20 5.10 -33.23
N VAL B 78 -4.41 5.16 -32.66
CA VAL B 78 -5.03 6.44 -32.30
C VAL B 78 -4.97 6.62 -30.80
N LEU B 79 -4.76 7.87 -30.39
CA LEU B 79 -4.45 8.28 -29.03
C LEU B 79 -5.50 9.26 -28.51
N THR B 80 -6.17 8.87 -27.41
CA THR B 80 -7.03 9.82 -26.70
C THR B 80 -6.20 10.96 -26.12
N HIS B 81 -5.27 10.68 -25.21
CA HIS B 81 -4.48 11.76 -24.62
C HIS B 81 -3.09 11.23 -24.28
N GLY B 82 -2.33 12.03 -23.52
CA GLY B 82 -0.93 11.74 -23.29
C GLY B 82 -0.52 11.22 -21.93
N HIS B 83 -1.44 10.62 -21.15
CA HIS B 83 -1.06 9.91 -19.93
C HIS B 83 -0.05 8.81 -20.21
N GLU B 84 0.75 8.47 -19.19
CA GLU B 84 1.55 7.25 -19.24
C GLU B 84 0.67 6.03 -19.45
N ASP B 85 -0.56 6.07 -18.94
CA ASP B 85 -1.45 4.93 -18.97
C ASP B 85 -2.07 4.75 -20.34
N HIS B 86 -1.73 5.62 -21.29
CA HIS B 86 -2.27 5.56 -22.65
C HIS B 86 -1.21 5.75 -23.73
N ILE B 87 0.05 6.07 -23.41
CA ILE B 87 1.10 6.13 -24.42
C ILE B 87 2.41 5.51 -23.95
N GLY B 88 2.37 4.76 -22.86
CA GLY B 88 3.62 4.28 -22.27
C GLY B 88 4.26 3.16 -23.07
N ALA B 89 3.44 2.31 -23.67
CA ALA B 89 3.94 1.15 -24.40
C ALA B 89 4.24 1.47 -25.85
N ILE B 90 4.10 2.73 -26.26
CA ILE B 90 4.32 3.13 -27.65
C ILE B 90 5.72 2.74 -28.08
N PRO B 91 6.78 3.21 -27.40
CA PRO B 91 8.13 2.94 -27.92
C PRO B 91 8.42 1.45 -28.01
N PHE B 92 7.52 0.61 -27.50
CA PHE B 92 7.67 -0.83 -27.53
C PHE B 92 6.87 -1.49 -28.63
N LEU B 93 5.71 -0.92 -28.99
CA LEU B 93 5.01 -1.39 -30.20
C LEU B 93 5.72 -0.93 -31.47
N LEU B 94 6.37 0.23 -31.43
CA LEU B 94 6.98 0.76 -32.63
C LEU B 94 8.35 0.15 -32.90
N LYS B 95 9.07 -0.30 -31.86
CA LYS B 95 10.29 -1.09 -32.03
C LYS B 95 10.01 -2.28 -32.93
N LEU B 96 8.95 -3.01 -32.60
CA LEU B 96 8.38 -4.02 -33.48
C LEU B 96 8.10 -3.54 -34.92
N ARG B 97 7.60 -2.31 -35.12
CA ARG B 97 7.14 -1.86 -36.44
C ARG B 97 7.18 -0.35 -36.59
N PRO B 98 8.38 0.23 -36.75
CA PRO B 98 8.59 1.69 -36.62
C PRO B 98 7.73 2.62 -37.47
N ASP B 99 6.89 2.10 -38.36
CA ASP B 99 6.15 2.94 -39.29
C ASP B 99 4.64 2.82 -39.08
N ILE B 100 4.22 2.39 -37.88
CA ILE B 100 2.81 2.61 -37.59
C ILE B 100 2.55 4.10 -37.61
N PRO B 101 1.54 4.58 -38.33
CA PRO B 101 1.09 5.97 -38.13
C PRO B 101 0.35 6.11 -36.81
N VAL B 102 0.82 7.03 -35.98
CA VAL B 102 0.20 7.27 -34.69
C VAL B 102 -0.49 8.61 -34.74
N VAL B 103 -1.80 8.58 -34.55
CA VAL B 103 -2.67 9.74 -34.63
C VAL B 103 -2.96 10.21 -33.22
N GLY B 104 -2.92 11.51 -33.02
CA GLY B 104 -3.27 12.08 -31.73
C GLY B 104 -3.13 13.59 -31.79
N SER B 105 -3.64 14.24 -30.75
CA SER B 105 -3.71 15.69 -30.72
C SER B 105 -2.33 16.35 -30.79
N LYS B 106 -2.32 17.67 -30.81
CA LYS B 106 -1.07 18.40 -30.93
C LYS B 106 -0.20 18.22 -29.70
N PHE B 107 -0.80 18.11 -28.52
CA PHE B 107 -0.05 17.93 -27.29
C PHE B 107 0.27 16.47 -27.02
N THR B 108 -0.69 15.58 -27.30
CA THR B 108 -0.47 14.15 -27.12
C THR B 108 0.77 13.67 -27.89
N LEU B 109 0.85 13.99 -29.18
CA LEU B 109 1.99 13.56 -29.98
C LEU B 109 3.27 14.25 -29.54
N ALA B 110 3.18 15.48 -29.01
CA ALA B 110 4.39 16.13 -28.49
C ALA B 110 5.00 15.33 -27.35
N LEU B 111 4.17 14.80 -26.44
CA LEU B 111 4.68 13.92 -25.40
C LEU B 111 5.05 12.56 -25.96
N VAL B 112 4.38 12.12 -27.03
CA VAL B 112 4.77 10.86 -27.66
C VAL B 112 6.10 11.03 -28.36
N ALA B 113 6.42 12.25 -28.77
CA ALA B 113 7.72 12.52 -29.39
C ALA B 113 8.85 12.39 -28.38
N GLU B 114 8.74 13.03 -27.22
CA GLU B 114 9.84 13.03 -26.28
C GLU B 114 10.09 11.64 -25.69
N LYS B 115 9.03 10.91 -25.34
CA LYS B 115 9.21 9.54 -24.88
C LYS B 115 9.78 8.64 -25.97
N CYS B 116 9.66 9.03 -27.23
CA CYS B 116 10.27 8.27 -28.30
C CYS B 116 11.66 8.79 -28.67
N ARG B 117 12.15 9.82 -27.98
CA ARG B 117 13.54 10.18 -28.14
C ARG B 117 14.43 9.26 -27.30
N GLU B 118 13.90 8.75 -26.21
CA GLU B 118 14.64 7.83 -25.35
C GLU B 118 14.96 6.50 -26.05
N TYR B 119 14.50 6.29 -27.30
CA TYR B 119 14.61 5.00 -27.95
C TYR B 119 15.11 5.09 -29.37
N ARG B 120 15.58 6.26 -29.80
CA ARG B 120 16.03 6.50 -31.18
C ARG B 120 14.88 6.29 -32.17
N ILE B 121 13.73 6.90 -31.88
CA ILE B 121 12.53 6.67 -32.67
C ILE B 121 11.92 7.98 -33.14
N THR B 122 11.77 8.13 -34.45
CA THR B 122 10.88 9.12 -35.03
C THR B 122 9.70 8.37 -35.65
N PRO B 123 8.47 8.66 -35.23
CA PRO B 123 7.33 7.85 -35.70
C PRO B 123 6.56 8.52 -36.83
N VAL B 124 5.50 7.88 -37.31
CA VAL B 124 4.66 8.45 -38.36
C VAL B 124 3.53 9.23 -37.69
N PHE B 125 3.72 10.55 -37.54
CA PHE B 125 2.81 11.41 -36.79
C PHE B 125 1.76 12.01 -37.71
N VAL B 126 0.49 11.83 -37.36
CA VAL B 126 -0.63 12.49 -38.06
C VAL B 126 -1.41 13.25 -37.00
N GLU B 127 -1.20 14.57 -36.93
CA GLU B 127 -1.76 15.41 -35.87
C GLU B 127 -3.22 15.81 -36.17
N VAL B 128 -4.14 15.54 -35.25
CA VAL B 128 -5.53 15.86 -35.49
C VAL B 128 -6.02 16.88 -34.46
N ARG B 129 -7.25 17.34 -34.66
CA ARG B 129 -7.93 18.29 -33.79
C ARG B 129 -9.38 17.84 -33.68
N GLU B 130 -10.17 18.55 -32.89
CA GLU B 130 -11.59 18.22 -32.77
C GLU B 130 -12.33 18.64 -34.02
N GLY B 131 -13.47 17.98 -34.26
CA GLY B 131 -14.23 18.16 -35.49
C GLY B 131 -13.55 17.68 -36.75
N GLN B 132 -12.29 17.26 -36.68
CA GLN B 132 -11.57 16.70 -37.82
C GLN B 132 -11.90 15.21 -38.02
N SER B 133 -11.74 14.75 -39.25
CA SER B 133 -11.88 13.34 -39.57
C SER B 133 -10.65 12.98 -40.38
N THR B 134 -10.03 11.86 -40.05
CA THR B 134 -8.98 11.32 -40.90
C THR B 134 -9.34 9.89 -41.28
N ARG B 135 -8.61 9.41 -42.28
CA ARG B 135 -8.91 8.15 -42.94
C ARG B 135 -7.70 7.24 -42.87
N HIS B 136 -8.00 5.96 -42.73
CA HIS B 136 -7.11 4.93 -42.22
C HIS B 136 -7.47 3.60 -42.85
N GLY B 137 -7.29 3.51 -44.15
CA GLY B 137 -7.65 2.27 -44.80
C GLY B 137 -9.13 2.08 -44.67
N VAL B 138 -9.55 0.94 -44.12
CA VAL B 138 -10.97 0.69 -43.93
C VAL B 138 -11.60 1.69 -42.96
N PHE B 139 -10.86 2.12 -41.95
CA PHE B 139 -11.41 2.91 -40.85
C PHE B 139 -11.43 4.41 -41.15
N GLU B 140 -12.48 5.08 -40.65
CA GLU B 140 -12.60 6.54 -40.68
C GLU B 140 -12.86 7.03 -39.27
N CYS B 141 -12.10 8.03 -38.85
CA CYS B 141 -12.01 8.44 -37.45
C CYS B 141 -12.37 9.92 -37.32
N GLU B 142 -13.29 10.22 -36.41
CA GLU B 142 -13.71 11.59 -36.13
C GLU B 142 -13.42 11.90 -34.68
N TYR B 143 -12.90 13.11 -34.43
CA TYR B 143 -12.35 13.48 -33.13
C TYR B 143 -13.16 14.61 -32.48
N PHE B 144 -13.28 14.54 -31.15
CA PHE B 144 -14.14 15.37 -30.31
C PHE B 144 -13.37 15.84 -29.11
N ALA B 145 -13.43 17.14 -28.80
CA ALA B 145 -12.68 17.65 -27.65
C ALA B 145 -13.20 17.05 -26.35
N VAL B 146 -12.27 16.63 -25.51
CA VAL B 146 -12.55 16.12 -24.18
C VAL B 146 -11.67 16.91 -23.21
N ASN B 147 -12.29 17.80 -22.42
CA ASN B 147 -11.58 18.38 -21.28
C ASN B 147 -11.30 17.32 -20.21
N HIS B 148 -10.12 17.40 -19.61
CA HIS B 148 -9.66 16.33 -18.74
C HIS B 148 -8.43 16.85 -18.00
N SER B 149 -7.86 15.99 -17.14
CA SER B 149 -6.67 16.32 -16.37
C SER B 149 -5.55 16.94 -17.22
N THR B 150 -5.35 16.42 -18.42
CA THR B 150 -4.27 16.94 -19.23
C THR B 150 -4.81 17.56 -20.52
N PRO B 151 -4.13 18.54 -21.10
CA PRO B 151 -4.68 19.24 -22.25
C PRO B 151 -5.02 18.31 -23.41
N ASP B 152 -5.93 18.80 -24.26
CA ASP B 152 -6.08 18.34 -25.63
C ASP B 152 -6.57 16.91 -25.76
N ALA B 153 -7.17 16.33 -24.74
CA ALA B 153 -7.68 14.97 -24.93
C ALA B 153 -8.75 14.98 -26.04
N LEU B 154 -8.97 13.83 -26.64
CA LEU B 154 -10.00 13.69 -27.64
C LEU B 154 -10.75 12.40 -27.40
N ALA B 155 -12.08 12.48 -27.48
CA ALA B 155 -12.84 11.26 -27.71
C ALA B 155 -12.76 10.92 -29.20
N ILE B 156 -13.03 9.66 -29.53
CA ILE B 156 -12.80 9.14 -30.87
C ILE B 156 -14.03 8.38 -31.35
N ALA B 157 -14.41 8.64 -32.61
CA ALA B 157 -15.46 7.91 -33.30
C ALA B 157 -14.84 7.09 -34.41
N VAL B 158 -15.33 5.87 -34.62
CA VAL B 158 -14.70 4.93 -35.55
C VAL B 158 -15.77 4.44 -36.53
N TYR B 159 -15.72 4.94 -37.78
CA TYR B 159 -16.73 4.57 -38.75
C TYR B 159 -16.23 3.46 -39.66
N THR B 160 -17.11 2.50 -39.92
CA THR B 160 -16.79 1.16 -40.40
C THR B 160 -18.08 0.52 -40.89
N GLY B 161 -17.94 -0.42 -41.83
CA GLY B 161 -19.07 -1.15 -42.39
C GLY B 161 -19.92 -1.89 -41.38
N ALA B 162 -19.50 -1.99 -40.12
CA ALA B 162 -20.40 -2.54 -39.11
C ALA B 162 -21.26 -1.47 -38.48
N GLY B 163 -20.77 -0.24 -38.41
CA GLY B 163 -21.54 0.86 -37.91
C GLY B 163 -20.65 1.92 -37.31
N THR B 164 -21.25 2.76 -36.46
CA THR B 164 -20.53 3.81 -35.76
C THR B 164 -20.18 3.39 -34.34
N ILE B 165 -18.97 3.77 -33.92
CA ILE B 165 -18.34 3.44 -32.65
C ILE B 165 -17.93 4.75 -31.99
N LEU B 166 -18.26 4.92 -30.72
CA LEU B 166 -17.75 6.05 -29.96
C LEU B 166 -16.91 5.56 -28.80
N HIS B 167 -15.69 6.10 -28.69
CA HIS B 167 -14.75 5.81 -27.63
C HIS B 167 -14.43 7.12 -26.95
N THR B 168 -14.54 7.15 -25.63
CA THR B 168 -14.52 8.38 -24.85
C THR B 168 -13.15 8.74 -24.29
N GLY B 169 -12.40 7.79 -23.76
CA GLY B 169 -11.11 8.14 -23.19
C GLY B 169 -11.22 8.46 -21.73
N ASP B 170 -10.12 8.98 -21.15
CA ASP B 170 -10.20 9.60 -19.83
C ASP B 170 -11.05 10.89 -19.96
N ILE B 171 -12.37 10.82 -19.68
CA ILE B 171 -13.33 11.87 -20.02
C ILE B 171 -13.98 12.49 -18.76
N LYS B 172 -14.13 13.82 -18.77
CA LYS B 172 -14.73 14.51 -17.63
C LYS B 172 -15.58 15.68 -18.10
N PHE B 173 -16.79 15.79 -17.55
CA PHE B 173 -17.78 16.75 -18.04
C PHE B 173 -17.84 17.98 -17.15
N ASP B 174 -16.75 18.73 -17.11
CA ASP B 174 -16.71 19.94 -16.31
C ASP B 174 -17.15 21.15 -17.15
N GLN B 175 -18.24 21.80 -16.75
CA GLN B 175 -18.80 22.89 -17.54
C GLN B 175 -18.01 24.18 -17.42
N LEU B 176 -17.02 24.25 -16.56
CA LEU B 176 -16.28 25.49 -16.41
C LEU B 176 -14.79 25.22 -16.30
N PRO B 177 -14.20 24.43 -17.22
CA PRO B 177 -12.77 24.15 -17.12
C PRO B 177 -11.97 25.41 -17.37
N PRO B 178 -10.80 25.53 -16.77
CA PRO B 178 -10.11 26.84 -16.79
C PRO B 178 -9.60 27.20 -18.16
N ASP B 179 -9.31 26.20 -19.02
CA ASP B 179 -8.81 26.43 -20.38
C ASP B 179 -9.89 26.95 -21.33
N GLY B 180 -11.16 26.81 -20.97
CA GLY B 180 -12.23 27.33 -21.78
C GLY B 180 -12.85 26.31 -22.69
N ARG B 181 -12.37 25.08 -22.66
CA ARG B 181 -12.64 24.05 -23.66
C ARG B 181 -13.36 22.89 -22.99
N PRO B 182 -14.65 23.02 -22.71
CA PRO B 182 -15.36 21.91 -22.08
C PRO B 182 -15.46 20.72 -23.00
N THR B 183 -15.54 19.54 -22.39
CA THR B 183 -15.87 18.34 -23.14
C THR B 183 -17.10 18.60 -23.99
N ASP B 184 -17.15 17.96 -25.14
CA ASP B 184 -18.09 18.34 -26.18
C ASP B 184 -19.28 17.37 -26.20
N LEU B 185 -20.06 17.43 -25.12
CA LEU B 185 -21.37 16.78 -25.13
C LEU B 185 -22.32 17.27 -26.23
N PRO B 186 -22.29 18.54 -26.66
CA PRO B 186 -23.09 18.89 -27.84
C PRO B 186 -22.82 17.96 -29.01
N GLY B 187 -21.57 17.96 -29.48
CA GLY B 187 -21.21 17.16 -30.65
C GLY B 187 -21.56 15.69 -30.49
N MET B 188 -21.09 15.07 -29.40
CA MET B 188 -21.36 13.65 -29.16
C MET B 188 -22.84 13.32 -29.20
N SER B 189 -23.69 14.31 -28.88
CA SER B 189 -25.14 14.11 -28.89
C SER B 189 -25.72 14.18 -30.30
N ARG B 190 -25.16 15.06 -31.13
CA ARG B 190 -25.46 15.02 -32.56
C ARG B 190 -25.11 13.67 -33.16
N LEU B 191 -23.89 13.18 -32.88
CA LEU B 191 -23.50 11.86 -33.33
C LEU B 191 -24.43 10.81 -32.77
N GLY B 192 -24.99 11.04 -31.59
CA GLY B 192 -25.95 10.09 -31.07
C GLY B 192 -27.17 9.97 -31.93
N ASP B 193 -27.69 11.12 -32.41
CA ASP B 193 -28.88 11.17 -33.26
C ASP B 193 -28.70 10.40 -34.57
N THR B 194 -27.46 10.34 -35.11
CA THR B 194 -27.18 9.51 -36.29
C THR B 194 -27.32 8.03 -35.96
N GLY B 195 -26.66 7.60 -34.91
CA GLY B 195 -26.72 6.24 -34.45
C GLY B 195 -25.34 5.94 -33.91
N VAL B 196 -25.24 5.44 -32.68
CA VAL B 196 -23.98 4.94 -32.17
C VAL B 196 -24.22 3.49 -31.77
N ASP B 197 -23.54 2.58 -32.45
CA ASP B 197 -23.86 1.17 -32.28
C ASP B 197 -23.21 0.60 -31.02
N LEU B 198 -22.04 1.11 -30.65
CA LEU B 198 -21.35 0.62 -29.46
C LEU B 198 -20.53 1.75 -28.86
N LEU B 199 -20.62 1.89 -27.53
CA LEU B 199 -20.02 2.97 -26.77
C LEU B 199 -18.99 2.38 -25.83
N LEU B 200 -17.72 2.74 -26.06
CA LEU B 200 -16.61 2.33 -25.21
C LEU B 200 -16.47 3.42 -24.17
N CYS B 201 -16.97 3.16 -22.97
CA CYS B 201 -17.18 4.20 -21.97
C CYS B 201 -16.24 4.06 -20.78
N ASP B 202 -15.51 5.12 -20.49
CA ASP B 202 -14.67 5.12 -19.30
C ASP B 202 -15.53 4.91 -18.06
N SER B 203 -15.08 4.02 -17.16
CA SER B 203 -15.83 3.73 -15.95
C SER B 203 -15.00 3.96 -14.70
N THR B 204 -14.02 4.85 -14.76
CA THR B 204 -13.13 5.08 -13.61
C THR B 204 -13.95 5.37 -12.34
N ASN B 205 -14.83 6.39 -12.41
CA ASN B 205 -15.61 6.80 -11.24
C ASN B 205 -17.11 6.54 -11.40
N ALA B 206 -17.48 5.50 -12.15
CA ALA B 206 -18.89 5.13 -12.22
C ALA B 206 -19.46 4.79 -10.85
N GLU B 207 -18.60 4.53 -9.87
CA GLU B 207 -19.06 4.19 -8.53
C GLU B 207 -19.45 5.44 -7.76
N ILE B 208 -18.65 6.50 -7.87
CA ILE B 208 -18.87 7.78 -7.20
C ILE B 208 -20.13 8.48 -7.71
N PRO B 209 -21.12 8.77 -6.87
CA PRO B 209 -22.37 9.34 -7.37
C PRO B 209 -22.30 10.86 -7.44
N GLY B 210 -23.35 11.45 -8.03
CA GLY B 210 -23.44 12.89 -8.19
C GLY B 210 -22.66 13.40 -9.39
N VAL B 211 -22.17 14.63 -9.29
CA VAL B 211 -21.37 15.26 -10.33
C VAL B 211 -20.13 15.87 -9.66
N GLY B 212 -18.95 15.45 -10.08
CA GLY B 212 -17.74 15.93 -9.46
C GLY B 212 -17.50 17.42 -9.64
N PRO B 213 -16.57 17.97 -8.86
CA PRO B 213 -16.36 19.42 -8.87
C PRO B 213 -15.51 19.90 -10.02
N SER B 214 -15.55 21.21 -10.23
CA SER B 214 -14.83 21.85 -11.30
C SER B 214 -13.40 22.17 -10.87
N GLU B 215 -12.43 21.76 -11.70
CA GLU B 215 -11.05 22.22 -11.59
C GLU B 215 -10.99 23.72 -11.29
N SER B 216 -11.97 24.47 -11.80
CA SER B 216 -12.02 25.90 -11.54
C SER B 216 -12.07 26.22 -10.06
N GLU B 217 -12.55 25.29 -9.23
CA GLU B 217 -12.65 25.53 -7.78
C GLU B 217 -11.28 25.54 -7.12
N VAL B 218 -10.39 24.64 -7.56
CA VAL B 218 -9.08 24.50 -6.92
C VAL B 218 -8.33 25.82 -6.88
N GLY B 219 -8.48 26.66 -7.91
CA GLY B 219 -7.76 27.91 -8.01
C GLY B 219 -7.98 28.92 -6.88
N PRO B 220 -9.24 29.26 -6.60
CA PRO B 220 -9.52 30.05 -5.39
C PRO B 220 -8.85 29.51 -4.14
N THR B 221 -8.94 28.21 -3.89
CA THR B 221 -8.50 27.70 -2.61
C THR B 221 -6.98 27.70 -2.47
N LEU B 222 -6.24 27.88 -3.58
CA LEU B 222 -4.81 28.15 -3.51
C LEU B 222 -4.54 29.64 -3.37
N HIS B 223 -5.27 30.47 -4.11
CA HIS B 223 -5.17 31.91 -3.95
C HIS B 223 -5.31 32.29 -2.48
N ARG B 224 -6.32 31.74 -1.81
CA ARG B 224 -6.45 31.94 -0.37
C ARG B 224 -5.27 31.33 0.37
N LEU B 225 -4.92 30.07 0.06
CA LEU B 225 -3.90 29.36 0.84
C LEU B 225 -2.53 30.00 0.75
N ILE B 226 -2.12 30.43 -0.45
CA ILE B 226 -0.85 31.15 -0.59
C ILE B 226 -0.94 32.51 0.10
N ARG B 227 -2.09 33.17 0.01
CA ARG B 227 -2.31 34.42 0.73
C ARG B 227 -1.95 34.26 2.21
N GLY B 228 -2.68 33.39 2.91
CA GLY B 228 -2.56 33.26 4.36
C GLY B 228 -1.20 32.77 4.87
N ALA B 229 -0.40 32.13 4.02
CA ALA B 229 0.88 31.61 4.44
C ALA B 229 1.93 32.70 4.55
N ASP B 230 2.61 32.76 5.71
CA ASP B 230 3.66 33.75 5.97
C ASP B 230 4.98 33.39 5.28
N GLY B 231 5.43 32.15 5.46
CA GLY B 231 6.67 31.70 4.88
C GLY B 231 6.48 31.04 3.52
N ARG B 232 7.59 30.50 3.02
CA ARG B 232 7.63 29.88 1.70
C ARG B 232 6.52 28.84 1.53
N VAL B 233 6.04 28.72 0.29
CA VAL B 233 5.00 27.77 -0.07
C VAL B 233 5.52 26.89 -1.22
N ILE B 234 5.29 25.58 -1.10
CA ILE B 234 5.65 24.64 -2.16
C ILE B 234 4.44 23.76 -2.44
N VAL B 235 4.19 23.51 -3.71
CA VAL B 235 2.97 22.83 -4.18
C VAL B 235 3.37 21.70 -5.09
N ALA B 236 2.96 20.48 -4.76
CA ALA B 236 3.27 19.31 -5.56
C ALA B 236 1.97 18.79 -6.18
N CYS B 237 1.90 18.79 -7.50
CA CYS B 237 0.79 18.21 -8.25
C CYS B 237 1.34 17.22 -9.26
N PHE B 238 0.46 16.64 -10.06
CA PHE B 238 0.97 15.80 -11.14
C PHE B 238 1.55 16.68 -12.24
N ALA B 239 2.28 16.04 -13.16
CA ALA B 239 2.96 16.75 -14.25
C ALA B 239 2.16 16.82 -15.54
N SER B 240 1.27 15.86 -15.82
CA SER B 240 0.40 16.02 -16.97
C SER B 240 -0.62 17.14 -16.78
N ASN B 241 -0.86 17.54 -15.53
CA ASN B 241 -1.97 18.44 -15.18
C ASN B 241 -1.50 19.90 -15.27
N VAL B 242 -1.48 20.43 -16.49
CA VAL B 242 -0.96 21.79 -16.67
C VAL B 242 -2.04 22.84 -16.49
N ASP B 243 -3.31 22.48 -16.59
CA ASP B 243 -4.36 23.42 -16.18
C ASP B 243 -4.07 23.93 -14.77
N ARG B 244 -3.69 23.03 -13.86
CA ARG B 244 -3.49 23.38 -12.45
C ARG B 244 -2.15 24.05 -12.20
N VAL B 245 -1.08 23.66 -12.90
CA VAL B 245 0.16 24.43 -12.89
C VAL B 245 -0.11 25.89 -13.24
N GLN B 246 -0.92 26.12 -14.28
CA GLN B 246 -1.29 27.50 -14.64
C GLN B 246 -2.08 28.16 -13.53
N GLN B 247 -3.00 27.41 -12.91
CA GLN B 247 -3.72 27.91 -11.75
C GLN B 247 -2.78 28.31 -10.63
N ILE B 248 -1.81 27.46 -10.30
CA ILE B 248 -0.86 27.82 -9.24
C ILE B 248 -0.05 29.05 -9.65
N ILE B 249 0.42 29.07 -10.90
CA ILE B 249 1.20 30.21 -11.40
C ILE B 249 0.38 31.50 -11.32
N ASP B 250 -0.87 31.46 -11.79
CA ASP B 250 -1.78 32.60 -11.62
C ASP B 250 -1.83 33.10 -10.18
N ALA B 251 -2.37 32.26 -9.28
CA ALA B 251 -2.43 32.58 -7.86
C ALA B 251 -1.10 33.05 -7.32
N ALA B 252 0.01 32.50 -7.81
CA ALA B 252 1.33 32.88 -7.33
C ALA B 252 1.62 34.34 -7.64
N VAL B 253 1.88 34.63 -8.92
CA VAL B 253 2.24 35.99 -9.30
C VAL B 253 1.18 36.97 -8.83
N ALA B 254 -0.10 36.56 -8.87
CA ALA B 254 -1.20 37.42 -8.43
C ALA B 254 -0.88 38.07 -7.10
N LEU B 255 -0.37 37.28 -6.16
CA LEU B 255 -0.03 37.78 -4.84
C LEU B 255 1.39 38.31 -4.75
N GLY B 256 2.20 38.15 -5.80
CA GLY B 256 3.52 38.74 -5.81
C GLY B 256 4.68 37.78 -5.61
N ARG B 257 4.44 36.49 -5.40
CA ARG B 257 5.54 35.55 -5.31
C ARG B 257 6.14 35.34 -6.72
N ARG B 258 7.05 34.38 -6.84
CA ARG B 258 7.57 33.98 -8.15
C ARG B 258 7.66 32.46 -8.20
N VAL B 259 7.24 31.87 -9.34
CA VAL B 259 7.09 30.43 -9.44
C VAL B 259 8.46 29.81 -9.72
N SER B 260 8.58 28.51 -9.42
CA SER B 260 9.86 27.83 -9.56
C SER B 260 9.60 26.33 -9.63
N PHE B 261 9.99 25.68 -10.73
CA PHE B 261 9.72 24.26 -10.90
C PHE B 261 10.84 23.42 -10.29
N VAL B 262 10.48 22.22 -9.83
CA VAL B 262 11.41 21.33 -9.12
C VAL B 262 11.14 19.87 -9.47
N GLY B 263 12.03 19.25 -10.26
CA GLY B 263 11.88 17.86 -10.64
C GLY B 263 11.86 17.67 -12.15
N ARG B 264 12.36 16.51 -12.60
CA ARG B 264 12.63 16.30 -14.03
C ARG B 264 11.36 16.26 -14.87
N SER B 265 10.32 15.58 -14.38
CA SER B 265 9.04 15.59 -15.05
C SER B 265 8.49 17.02 -15.13
N MET B 266 8.50 17.72 -14.00
CA MET B 266 7.91 19.05 -13.95
C MET B 266 8.67 20.03 -14.83
N VAL B 267 10.00 20.07 -14.71
CA VAL B 267 10.77 21.04 -15.47
C VAL B 267 10.60 20.81 -16.97
N ARG B 268 10.56 19.54 -17.39
CA ARG B 268 10.46 19.26 -18.81
C ARG B 268 9.03 19.40 -19.32
N ASN B 269 8.04 18.98 -18.53
CA ASN B 269 6.66 19.03 -19.00
C ASN B 269 6.18 20.46 -19.16
N MET B 270 6.59 21.34 -18.25
CA MET B 270 6.20 22.73 -18.39
C MET B 270 6.93 23.40 -19.54
N ARG B 271 8.18 22.99 -19.80
CA ARG B 271 8.93 23.50 -20.95
C ARG B 271 8.13 23.33 -22.22
N VAL B 272 7.70 22.09 -22.50
CA VAL B 272 6.91 21.81 -23.68
C VAL B 272 5.56 22.54 -23.65
N ALA B 273 4.90 22.56 -22.49
CA ALA B 273 3.58 23.19 -22.42
C ALA B 273 3.66 24.68 -22.68
N ARG B 274 4.79 25.32 -22.37
CA ARG B 274 4.97 26.71 -22.78
C ARG B 274 5.34 26.82 -24.25
N GLN B 275 6.21 25.93 -24.72
CA GLN B 275 6.60 26.01 -26.12
C GLN B 275 5.41 25.81 -27.03
N LEU B 276 4.41 25.03 -26.58
CA LEU B 276 3.20 24.84 -27.37
C LEU B 276 2.09 25.81 -27.02
N GLY B 277 2.32 26.72 -26.08
CA GLY B 277 1.30 27.68 -25.70
C GLY B 277 0.15 27.11 -24.90
N PHE B 278 0.44 26.17 -24.02
CA PHE B 278 -0.58 25.63 -23.19
C PHE B 278 -0.40 26.19 -21.80
N LEU B 279 0.73 26.85 -21.54
CA LEU B 279 1.00 27.30 -20.15
C LEU B 279 0.90 28.81 -19.94
N ARG B 280 1.64 29.62 -20.70
CA ARG B 280 1.63 31.10 -20.60
C ARG B 280 2.16 31.65 -19.27
N VAL B 281 3.44 31.97 -19.19
CA VAL B 281 3.96 32.48 -17.94
C VAL B 281 5.15 33.38 -18.27
N ALA B 282 5.02 34.65 -17.92
CA ALA B 282 6.08 35.60 -18.18
C ALA B 282 7.35 35.05 -17.62
N ASP B 283 8.49 35.44 -18.16
CA ASP B 283 9.75 34.95 -17.65
C ASP B 283 10.14 35.75 -16.43
N SER B 284 9.45 36.86 -16.21
CA SER B 284 9.72 37.64 -15.02
C SER B 284 9.27 36.92 -13.76
N ASP B 285 8.31 36.01 -13.88
CA ASP B 285 7.82 35.27 -12.72
C ASP B 285 8.49 33.92 -12.56
N LEU B 286 9.14 33.42 -13.61
CA LEU B 286 9.92 32.19 -13.52
C LEU B 286 11.34 32.49 -13.07
N ILE B 287 11.78 31.82 -12.00
CA ILE B 287 13.18 31.79 -11.62
C ILE B 287 13.61 30.33 -11.45
N ASP B 288 14.92 30.11 -11.31
CA ASP B 288 15.45 28.76 -11.22
C ASP B 288 15.55 28.29 -9.77
N ILE B 289 15.82 26.99 -9.61
CA ILE B 289 15.74 26.36 -8.29
C ILE B 289 16.76 26.93 -7.32
N ALA B 290 17.79 27.51 -7.90
CA ALA B 290 18.87 28.16 -7.13
C ALA B 290 18.24 29.25 -6.27
N ALA B 291 17.61 30.23 -6.91
CA ALA B 291 17.03 31.45 -6.30
C ALA B 291 15.97 31.21 -5.19
N ALA B 292 15.36 30.03 -5.11
CA ALA B 292 14.43 29.68 -4.03
C ALA B 292 15.17 29.75 -2.70
N GLU B 293 16.42 29.30 -2.66
CA GLU B 293 17.27 29.39 -1.46
C GLU B 293 17.80 30.81 -1.35
N THR B 294 17.79 31.57 -2.45
CA THR B 294 18.26 32.98 -2.40
C THR B 294 17.15 33.82 -1.75
N MET B 295 16.12 34.17 -2.53
CA MET B 295 15.05 35.10 -2.11
C MET B 295 14.38 34.76 -0.76
N ALA B 296 13.91 35.79 -0.05
CA ALA B 296 13.22 35.62 1.26
C ALA B 296 12.09 34.63 1.09
N PRO B 297 11.80 33.75 2.06
CA PRO B 297 10.83 32.66 1.83
C PRO B 297 9.50 33.12 1.29
N ASP B 298 9.01 34.25 1.74
CA ASP B 298 7.70 34.71 1.33
C ASP B 298 7.65 35.17 -0.13
N GLN B 299 8.65 34.97 -0.98
CA GLN B 299 8.59 35.51 -2.33
C GLN B 299 8.78 34.45 -3.41
N VAL B 300 8.47 33.20 -3.10
CA VAL B 300 8.68 32.10 -4.04
C VAL B 300 7.67 31.01 -3.76
N VAL B 301 7.13 30.44 -4.84
CA VAL B 301 6.29 29.25 -4.78
C VAL B 301 7.02 28.16 -5.54
N LEU B 302 7.21 27.01 -4.91
CA LEU B 302 7.81 25.87 -5.58
C LEU B 302 6.72 24.96 -6.13
N ILE B 303 6.82 24.59 -7.41
CA ILE B 303 5.93 23.61 -8.03
C ILE B 303 6.74 22.34 -8.18
N THR B 304 6.49 21.34 -7.34
CA THR B 304 7.35 20.16 -7.36
C THR B 304 6.55 18.90 -7.71
N THR B 305 7.19 17.77 -7.45
CA THR B 305 6.88 16.49 -8.03
C THR B 305 6.58 15.50 -6.91
N GLY B 306 6.04 14.35 -7.29
CA GLY B 306 5.93 13.27 -6.32
C GLY B 306 4.84 13.45 -5.29
N THR B 307 3.61 13.46 -5.78
CA THR B 307 2.43 13.48 -4.94
C THR B 307 2.10 12.11 -4.37
N GLN B 308 2.79 11.06 -4.83
CA GLN B 308 2.69 9.72 -4.28
C GLN B 308 3.88 9.36 -3.42
N GLY B 309 4.67 10.34 -3.00
CA GLY B 309 5.81 10.14 -2.12
C GLY B 309 6.80 9.10 -2.60
N GLU B 310 6.86 8.89 -3.92
CA GLU B 310 7.78 7.93 -4.51
C GLU B 310 9.20 8.26 -4.09
N PRO B 311 9.99 7.27 -3.65
CA PRO B 311 11.03 7.53 -2.64
C PRO B 311 12.13 8.49 -3.05
N MET B 312 12.29 8.83 -4.35
CA MET B 312 13.24 9.88 -4.70
C MET B 312 12.62 10.93 -5.59
N SER B 313 11.34 11.21 -5.41
CA SER B 313 10.75 12.39 -6.04
C SER B 313 11.12 13.63 -5.25
N ALA B 314 11.09 14.78 -5.94
CA ALA B 314 11.59 16.03 -5.38
C ALA B 314 11.08 16.26 -3.95
N LEU B 315 9.77 16.12 -3.74
CA LEU B 315 9.21 16.39 -2.42
C LEU B 315 9.48 15.26 -1.45
N SER B 316 9.65 14.03 -1.93
CA SER B 316 10.04 12.97 -1.02
C SER B 316 11.46 13.18 -0.49
N ARG B 317 12.39 13.59 -1.37
CA ARG B 317 13.76 13.88 -0.92
C ARG B 317 13.78 15.08 0.02
N MET B 318 12.92 16.06 -0.23
CA MET B 318 12.90 17.25 0.61
C MET B 318 12.43 16.93 2.03
N SER B 319 11.49 16.00 2.17
CA SER B 319 11.06 15.54 3.48
C SER B 319 12.12 14.71 4.20
N ARG B 320 13.32 14.54 3.61
CA ARG B 320 14.45 13.87 4.27
C ARG B 320 15.73 14.73 4.34
N GLY B 321 15.72 15.93 3.78
CA GLY B 321 16.87 16.82 3.82
C GLY B 321 17.97 16.51 2.83
N GLU B 322 17.90 15.27 2.32
CA GLU B 322 18.81 14.62 1.35
C GLU B 322 18.66 15.20 -0.05
N HIS B 323 17.85 16.25 -0.18
CA HIS B 323 17.76 16.97 -1.46
C HIS B 323 18.63 18.18 -1.27
N ARG B 324 19.94 17.95 -1.33
CA ARG B 324 21.04 18.92 -1.13
C ARG B 324 20.68 20.34 -1.55
N SER B 325 20.15 20.55 -2.77
CA SER B 325 19.68 21.87 -3.23
C SER B 325 18.87 22.59 -2.14
N ILE B 326 17.70 22.10 -1.72
CA ILE B 326 16.94 22.84 -0.66
C ILE B 326 16.39 21.93 0.43
N THR B 327 16.43 22.42 1.66
CA THR B 327 15.91 21.71 2.83
C THR B 327 14.77 22.54 3.44
N LEU B 328 13.82 21.86 4.06
CA LEU B 328 12.52 22.45 4.37
C LEU B 328 12.50 22.99 5.80
N THR B 329 12.17 24.28 5.95
CA THR B 329 11.90 24.91 7.24
C THR B 329 10.53 24.51 7.77
N ALA B 330 10.20 24.98 8.97
CA ALA B 330 8.86 24.81 9.53
C ALA B 330 7.92 25.92 9.14
N GLY B 331 8.44 27.03 8.64
CA GLY B 331 7.61 28.02 8.00
C GLY B 331 7.18 27.67 6.59
N ASP B 332 7.61 26.51 6.09
CA ASP B 332 7.16 26.03 4.80
C ASP B 332 5.74 25.48 4.90
N LEU B 333 4.99 25.65 3.82
CA LEU B 333 3.64 25.10 3.66
C LEU B 333 3.65 24.16 2.47
N ILE B 334 3.49 22.87 2.74
CA ILE B 334 3.36 21.88 1.68
C ILE B 334 1.88 21.64 1.44
N VAL B 335 1.44 21.73 0.19
CA VAL B 335 0.07 21.46 -0.18
C VAL B 335 0.05 20.33 -1.21
N LEU B 336 -0.36 19.14 -0.76
CA LEU B 336 -0.45 17.98 -1.64
C LEU B 336 -1.68 18.13 -2.52
N SER B 337 -1.46 18.81 -3.66
CA SER B 337 -2.51 19.14 -4.61
C SER B 337 -2.70 17.96 -5.56
N SER B 338 -3.31 16.92 -5.03
CA SER B 338 -3.48 15.68 -5.77
C SER B 338 -4.40 14.73 -5.03
N SER B 339 -4.53 13.54 -5.60
CA SER B 339 -5.24 12.42 -5.02
C SER B 339 -4.23 11.38 -4.57
N LEU B 340 -4.67 10.58 -3.62
CA LEU B 340 -3.85 9.50 -3.08
C LEU B 340 -4.20 8.26 -3.88
N ILE B 341 -3.43 7.99 -4.94
CA ILE B 341 -3.71 6.79 -5.74
C ILE B 341 -3.64 5.57 -4.83
N PRO B 342 -4.62 4.67 -4.84
CA PRO B 342 -4.52 3.44 -4.04
C PRO B 342 -3.23 2.71 -4.31
N GLY B 343 -2.61 2.21 -3.23
CA GLY B 343 -1.34 1.51 -3.29
C GLY B 343 -0.12 2.36 -2.99
N ASN B 344 -0.30 3.64 -2.71
CA ASN B 344 0.80 4.54 -2.41
C ASN B 344 0.56 5.26 -1.10
N GLU B 345 -0.06 4.57 -0.13
CA GLU B 345 -0.37 5.20 1.15
C GLU B 345 0.88 5.29 2.01
N GLU B 346 1.55 4.15 2.22
CA GLU B 346 2.75 4.12 3.02
C GLU B 346 3.76 5.16 2.56
N ALA B 347 3.89 5.35 1.25
CA ALA B 347 4.81 6.36 0.75
C ALA B 347 4.34 7.76 1.16
N VAL B 348 3.10 8.13 0.80
CA VAL B 348 2.65 9.51 0.94
C VAL B 348 2.30 9.83 2.38
N PHE B 349 1.57 8.93 3.04
CA PHE B 349 1.25 9.13 4.45
C PHE B 349 2.52 9.13 5.30
N GLY B 350 3.54 8.36 4.92
CA GLY B 350 4.83 8.48 5.58
C GLY B 350 5.46 9.84 5.35
N VAL B 351 5.31 10.39 4.14
CA VAL B 351 6.00 11.64 3.79
C VAL B 351 5.37 12.84 4.50
N ILE B 352 4.04 12.92 4.51
CA ILE B 352 3.34 13.88 5.38
C ILE B 352 3.77 13.71 6.84
N ASP B 353 3.82 12.48 7.34
CA ASP B 353 4.22 12.28 8.73
C ASP B 353 5.68 12.70 8.94
N ALA B 354 6.55 12.41 7.96
CA ALA B 354 7.92 12.93 8.00
C ALA B 354 7.92 14.45 7.99
N LEU B 355 7.08 15.05 7.16
CA LEU B 355 6.95 16.50 7.15
C LEU B 355 6.45 17.04 8.48
N SER B 356 5.75 16.23 9.28
CA SER B 356 5.14 16.74 10.49
C SER B 356 6.15 16.86 11.64
N LYS B 357 7.12 15.94 11.72
CA LYS B 357 8.20 16.13 12.69
C LYS B 357 8.92 17.45 12.45
N ILE B 358 9.29 17.71 11.19
CA ILE B 358 9.96 18.96 10.81
C ILE B 358 9.19 20.17 11.34
N GLY B 359 7.86 20.12 11.28
CA GLY B 359 7.03 21.20 11.80
C GLY B 359 6.44 22.12 10.78
N ALA B 360 6.26 21.67 9.54
CA ALA B 360 5.74 22.49 8.45
C ALA B 360 4.28 22.11 8.22
N ARG B 361 3.41 23.12 8.09
CA ARG B 361 1.99 22.86 7.89
C ARG B 361 1.78 22.22 6.53
N VAL B 362 1.01 21.14 6.49
CA VAL B 362 0.71 20.44 5.25
C VAL B 362 -0.80 20.38 5.05
N VAL B 363 -1.26 20.82 3.88
CA VAL B 363 -2.67 20.78 3.50
C VAL B 363 -2.82 19.76 2.37
N THR B 364 -3.73 18.81 2.56
CA THR B 364 -4.00 17.77 1.58
C THR B 364 -5.46 17.87 1.12
N ASN B 365 -5.91 16.87 0.36
CA ASN B 365 -7.29 16.89 -0.11
C ASN B 365 -8.30 16.81 1.03
N ALA B 366 -7.96 16.09 2.11
CA ALA B 366 -8.95 15.91 3.19
C ALA B 366 -9.26 17.21 3.88
N GLN B 367 -8.32 18.15 3.91
CA GLN B 367 -8.58 19.40 4.61
C GLN B 367 -9.22 20.46 3.72
N ALA B 368 -8.85 20.52 2.44
CA ALA B 368 -9.30 21.59 1.58
C ALA B 368 -9.88 21.03 0.28
N ARG B 369 -9.99 21.89 -0.73
CA ARG B 369 -10.38 21.53 -2.09
C ARG B 369 -9.19 21.94 -2.94
N VAL B 370 -8.17 21.09 -2.96
CA VAL B 370 -6.92 21.38 -3.65
C VAL B 370 -6.74 20.49 -4.86
N HIS B 371 -7.69 19.62 -5.13
CA HIS B 371 -7.57 18.64 -6.19
C HIS B 371 -8.98 18.21 -6.52
N VAL B 372 -9.18 17.93 -7.81
CA VAL B 372 -10.46 17.44 -8.30
C VAL B 372 -10.15 16.29 -9.25
N SER B 373 -10.95 15.24 -9.16
CA SER B 373 -10.72 14.03 -9.95
C SER B 373 -10.53 14.35 -11.43
N GLY B 374 -10.06 13.40 -12.21
CA GLY B 374 -10.01 13.60 -13.65
C GLY B 374 -11.06 12.87 -14.44
N HIS B 375 -12.00 12.19 -13.79
CA HIS B 375 -12.98 11.39 -14.51
C HIS B 375 -14.39 11.78 -14.10
N ALA B 376 -15.34 11.45 -14.96
CA ALA B 376 -16.73 11.78 -14.68
C ALA B 376 -17.24 10.95 -13.51
N TYR B 377 -17.92 11.58 -12.54
CA TYR B 377 -18.63 10.79 -11.55
C TYR B 377 -19.87 10.18 -12.18
N ALA B 378 -20.56 9.31 -11.44
CA ALA B 378 -21.61 8.50 -12.06
C ALA B 378 -22.73 9.34 -12.63
N GLY B 379 -22.83 10.60 -12.25
CA GLY B 379 -23.93 11.43 -12.69
C GLY B 379 -23.60 12.28 -13.88
N GLU B 380 -22.30 12.55 -14.11
CA GLU B 380 -21.89 13.07 -15.40
C GLU B 380 -21.90 11.97 -16.44
N LEU B 381 -21.71 10.71 -16.03
CA LEU B 381 -21.87 9.61 -16.96
C LEU B 381 -23.31 9.46 -17.39
N LEU B 382 -24.25 9.86 -16.52
CA LEU B 382 -25.66 9.83 -16.87
C LEU B 382 -25.99 10.81 -17.98
N PHE B 383 -25.30 11.96 -18.01
CA PHE B 383 -25.45 12.85 -19.15
C PHE B 383 -25.09 12.15 -20.46
N LEU B 384 -23.92 11.52 -20.51
CA LEU B 384 -23.45 10.96 -21.77
C LEU B 384 -24.40 9.90 -22.29
N TYR B 385 -24.79 8.94 -21.44
CA TYR B 385 -25.69 7.89 -21.90
C TYR B 385 -27.00 8.43 -22.45
N ASN B 386 -27.40 9.62 -21.99
CA ASN B 386 -28.64 10.26 -22.43
C ASN B 386 -28.42 11.12 -23.67
N GLY B 387 -27.26 11.74 -23.81
CA GLY B 387 -26.98 12.50 -25.01
C GLY B 387 -26.55 11.67 -26.20
N VAL B 388 -26.00 10.47 -25.97
CA VAL B 388 -25.43 9.67 -27.05
C VAL B 388 -26.42 8.56 -27.38
N ARG B 389 -27.22 8.20 -26.39
CA ARG B 389 -28.13 7.06 -26.43
C ARG B 389 -27.52 5.89 -27.20
N PRO B 390 -26.46 5.28 -26.70
CA PRO B 390 -25.80 4.19 -27.42
C PRO B 390 -26.69 2.96 -27.51
N ARG B 391 -26.53 2.24 -28.61
CA ARG B 391 -27.33 1.05 -28.87
C ARG B 391 -26.80 -0.16 -28.10
N ASN B 392 -25.51 -0.17 -27.81
CA ASN B 392 -24.88 -1.13 -26.92
C ASN B 392 -23.75 -0.39 -26.21
N VAL B 393 -23.36 -0.88 -25.04
CA VAL B 393 -22.24 -0.25 -24.34
C VAL B 393 -21.27 -1.31 -23.86
N MET B 394 -20.00 -0.92 -23.84
CA MET B 394 -18.91 -1.77 -23.38
C MET B 394 -18.10 -0.92 -22.42
N PRO B 395 -18.24 -1.12 -21.10
CA PRO B 395 -17.44 -0.35 -20.14
C PRO B 395 -15.95 -0.61 -20.30
N VAL B 396 -15.14 0.41 -20.03
CA VAL B 396 -13.70 0.31 -20.26
C VAL B 396 -12.98 1.14 -19.20
N HIS B 397 -11.66 1.26 -19.32
CA HIS B 397 -10.81 2.06 -18.40
C HIS B 397 -11.26 1.92 -16.96
N GLY B 398 -11.36 0.68 -16.46
CA GLY B 398 -11.51 0.46 -15.02
C GLY B 398 -11.61 -1.01 -14.65
N THR B 399 -11.49 -1.27 -13.34
CA THR B 399 -11.54 -2.61 -12.76
C THR B 399 -12.97 -3.14 -12.71
N TRP B 400 -13.19 -4.31 -12.10
CA TRP B 400 -14.51 -4.92 -12.18
C TRP B 400 -15.53 -4.14 -11.37
N ARG B 401 -15.14 -3.66 -10.17
CA ARG B 401 -16.07 -2.88 -9.37
C ARG B 401 -16.50 -1.62 -10.12
N MET B 402 -15.61 -1.07 -10.94
CA MET B 402 -15.94 0.11 -11.73
C MET B 402 -16.72 -0.25 -12.98
N LEU B 403 -16.43 -1.38 -13.63
CA LEU B 403 -17.19 -1.71 -14.82
C LEU B 403 -18.60 -2.13 -14.45
N ARG B 404 -18.76 -2.87 -13.36
CA ARG B 404 -20.08 -3.29 -12.93
C ARG B 404 -20.96 -2.07 -12.60
N ALA B 405 -20.37 -1.09 -11.91
CA ALA B 405 -21.05 0.17 -11.69
C ALA B 405 -21.55 0.75 -13.00
N ASN B 406 -20.63 0.94 -13.95
CA ASN B 406 -20.96 1.62 -15.19
C ASN B 406 -22.03 0.88 -15.97
N ALA B 407 -21.98 -0.45 -15.97
CA ALA B 407 -23.05 -1.23 -16.59
C ALA B 407 -24.42 -0.82 -16.02
N LYS B 408 -24.53 -0.78 -14.68
CA LYS B 408 -25.80 -0.37 -14.07
C LYS B 408 -26.19 1.04 -14.48
N LEU B 409 -25.24 1.98 -14.48
CA LEU B 409 -25.52 3.32 -14.99
C LEU B 409 -26.15 3.27 -16.38
N ALA B 410 -25.47 2.59 -17.30
CA ALA B 410 -25.97 2.50 -18.67
C ALA B 410 -27.33 1.83 -18.72
N ALA B 411 -27.49 0.71 -18.02
CA ALA B 411 -28.79 0.04 -18.04
C ALA B 411 -29.88 0.97 -17.53
N SER B 412 -29.59 1.68 -16.43
CA SER B 412 -30.55 2.59 -15.81
C SER B 412 -30.97 3.71 -16.74
N THR B 413 -30.21 3.93 -17.81
CA THR B 413 -30.51 4.88 -18.88
C THR B 413 -31.54 4.33 -19.85
N GLY B 414 -31.72 3.03 -19.89
CA GLY B 414 -32.55 2.41 -20.90
C GLY B 414 -31.78 1.54 -21.86
N VAL B 415 -30.45 1.52 -21.79
CA VAL B 415 -29.64 0.63 -22.60
C VAL B 415 -30.00 -0.78 -22.17
N PRO B 416 -30.49 -1.65 -23.07
CA PRO B 416 -30.99 -2.94 -22.62
C PRO B 416 -29.88 -3.79 -22.05
N GLN B 417 -30.27 -4.78 -21.24
CA GLN B 417 -29.34 -5.58 -20.47
C GLN B 417 -28.47 -6.47 -21.35
N GLU B 418 -29.02 -6.90 -22.50
CA GLU B 418 -28.20 -7.63 -23.48
C GLU B 418 -27.13 -6.73 -24.07
N SER B 419 -27.47 -5.48 -24.38
CA SER B 419 -26.52 -4.60 -25.02
C SER B 419 -25.43 -4.09 -24.09
N ILE B 420 -25.40 -4.53 -22.84
CA ILE B 420 -24.29 -4.24 -21.94
C ILE B 420 -23.33 -5.40 -22.04
N LEU B 421 -22.06 -5.12 -22.35
CA LEU B 421 -21.06 -6.16 -22.62
C LEU B 421 -19.80 -5.93 -21.79
N LEU B 422 -19.74 -6.60 -20.63
CA LEU B 422 -18.58 -6.50 -19.75
C LEU B 422 -17.47 -7.39 -20.32
N ALA B 423 -16.51 -6.78 -21.00
CA ALA B 423 -15.56 -7.49 -21.85
C ALA B 423 -14.13 -7.34 -21.33
N GLU B 424 -13.79 -8.12 -20.29
CA GLU B 424 -12.45 -8.14 -19.71
C GLU B 424 -11.36 -8.53 -20.72
N ASN B 425 -10.15 -7.95 -20.55
CA ASN B 425 -9.03 -8.11 -21.49
C ASN B 425 -8.99 -9.45 -22.21
N GLY B 426 -8.83 -9.43 -23.53
CA GLY B 426 -8.80 -10.64 -24.32
C GLY B 426 -10.15 -11.23 -24.66
N VAL B 427 -11.23 -10.84 -23.98
CA VAL B 427 -12.55 -11.25 -24.43
C VAL B 427 -13.02 -10.21 -25.43
N SER B 428 -13.71 -10.67 -26.47
CA SER B 428 -13.93 -9.89 -27.67
C SER B 428 -15.42 -9.61 -27.85
N VAL B 429 -15.71 -8.44 -28.39
CA VAL B 429 -17.07 -8.07 -28.73
C VAL B 429 -17.16 -7.98 -30.25
N ASP B 430 -18.21 -8.57 -30.81
CA ASP B 430 -18.46 -8.64 -32.23
C ASP B 430 -19.71 -7.84 -32.56
N LEU B 431 -19.59 -6.97 -33.56
CA LEU B 431 -20.68 -6.12 -34.00
C LEU B 431 -20.93 -6.47 -35.46
N VAL B 432 -21.83 -7.42 -35.72
CA VAL B 432 -22.21 -7.77 -37.08
C VAL B 432 -23.73 -7.73 -37.19
N ALA B 433 -24.22 -7.14 -38.28
CA ALA B 433 -25.64 -6.84 -38.50
C ALA B 433 -26.19 -5.96 -37.38
N GLY B 434 -25.32 -5.09 -36.84
CA GLY B 434 -25.71 -4.11 -35.86
C GLY B 434 -26.01 -4.64 -34.48
N LYS B 435 -25.98 -5.96 -34.29
CA LYS B 435 -26.04 -6.55 -32.96
C LYS B 435 -24.62 -6.60 -32.38
N ALA B 436 -24.53 -6.38 -31.07
CA ALA B 436 -23.27 -6.57 -30.37
C ALA B 436 -23.41 -7.78 -29.45
N SER B 437 -22.30 -8.49 -29.26
CA SER B 437 -22.36 -9.78 -28.58
C SER B 437 -20.94 -10.23 -28.28
N ILE B 438 -20.81 -11.05 -27.24
CA ILE B 438 -19.49 -11.53 -26.80
C ILE B 438 -19.12 -12.74 -27.64
N SER B 439 -17.97 -12.68 -28.31
CA SER B 439 -17.59 -13.77 -29.20
C SER B 439 -16.83 -14.87 -28.47
N GLY B 440 -15.69 -14.52 -27.89
CA GLY B 440 -14.90 -15.50 -27.17
C GLY B 440 -13.67 -14.84 -26.61
N ALA B 441 -13.07 -15.50 -25.64
CA ALA B 441 -11.91 -15.00 -24.93
C ALA B 441 -10.63 -15.59 -25.49
N VAL B 442 -9.55 -14.85 -25.35
CA VAL B 442 -8.21 -15.37 -25.56
C VAL B 442 -7.39 -15.09 -24.30
N PRO B 443 -6.46 -15.98 -23.94
CA PRO B 443 -5.57 -15.69 -22.80
C PRO B 443 -4.80 -14.40 -23.06
N VAL B 444 -4.93 -13.47 -22.11
CA VAL B 444 -4.14 -12.24 -22.11
C VAL B 444 -3.34 -12.21 -20.80
N GLY B 445 -2.04 -11.96 -20.92
CA GLY B 445 -1.15 -11.96 -19.78
C GLY B 445 -0.29 -10.71 -19.75
N LYS B 446 0.55 -10.63 -18.72
CA LYS B 446 1.34 -9.44 -18.45
C LYS B 446 2.74 -9.58 -19.06
N MET B 447 3.16 -8.57 -19.82
CA MET B 447 4.49 -8.51 -20.39
C MET B 447 5.31 -7.51 -19.59
N PHE B 448 6.42 -7.95 -19.02
CA PHE B 448 7.19 -7.08 -18.15
C PHE B 448 8.31 -6.39 -18.91
N VAL B 449 8.71 -5.25 -18.40
CA VAL B 449 9.90 -4.56 -18.87
C VAL B 449 10.81 -4.45 -17.66
N ASP B 450 11.71 -5.42 -17.52
CA ASP B 450 12.83 -5.31 -16.60
C ASP B 450 14.02 -4.85 -17.43
N GLY B 451 14.55 -3.67 -17.09
CA GLY B 451 15.62 -3.04 -17.84
C GLY B 451 15.58 -3.20 -19.36
N LEU B 452 16.71 -3.64 -19.92
CA LEU B 452 17.03 -3.49 -21.34
C LEU B 452 16.77 -4.74 -22.16
N ILE B 453 16.71 -5.92 -21.54
CA ILE B 453 16.55 -7.17 -22.27
C ILE B 453 15.12 -7.66 -22.09
N ALA B 454 14.49 -8.09 -23.19
CA ALA B 454 13.09 -8.43 -23.20
C ALA B 454 12.87 -9.92 -23.01
N GLY B 455 11.64 -10.27 -22.64
CA GLY B 455 11.15 -11.63 -22.73
C GLY B 455 11.63 -12.60 -21.66
N ASP B 456 12.64 -12.22 -20.87
CA ASP B 456 13.35 -13.16 -20.02
C ASP B 456 12.94 -13.14 -18.54
N VAL B 457 12.07 -12.22 -18.13
CA VAL B 457 11.64 -12.09 -16.73
C VAL B 457 10.21 -12.58 -16.62
N GLY B 458 10.00 -13.72 -15.97
CA GLY B 458 8.70 -14.35 -16.00
C GLY B 458 8.08 -14.62 -14.66
N ASP B 459 7.07 -15.52 -14.63
CA ASP B 459 6.46 -15.91 -13.36
C ASP B 459 7.48 -16.58 -12.45
N ILE B 460 8.45 -17.29 -13.04
CA ILE B 460 9.52 -17.87 -12.24
C ILE B 460 10.37 -16.77 -11.62
N THR B 461 10.94 -15.89 -12.44
CA THR B 461 11.78 -14.80 -11.92
C THR B 461 11.10 -14.07 -10.77
N LEU B 462 9.79 -13.79 -10.92
CA LEU B 462 9.09 -13.04 -9.90
C LEU B 462 8.85 -13.90 -8.68
N GLY B 463 8.34 -15.11 -8.88
CA GLY B 463 8.15 -16.03 -7.77
C GLY B 463 9.36 -16.11 -6.85
N GLU B 464 10.54 -16.34 -7.42
CA GLU B 464 11.72 -16.36 -6.56
C GLU B 464 12.15 -14.97 -6.11
N ARG B 465 11.72 -13.90 -6.77
CA ARG B 465 11.98 -12.58 -6.21
C ARG B 465 11.12 -12.33 -4.98
N LEU B 466 10.05 -13.08 -4.82
CA LEU B 466 9.23 -13.00 -3.63
C LEU B 466 9.74 -13.93 -2.57
N ILE B 467 10.26 -15.08 -3.01
CA ILE B 467 10.96 -15.99 -2.11
C ILE B 467 12.07 -15.24 -1.37
N LEU B 468 12.91 -14.55 -2.13
CA LEU B 468 14.13 -13.92 -1.62
C LEU B 468 13.87 -12.82 -0.62
N SER B 469 12.60 -12.56 -0.28
CA SER B 469 12.33 -11.56 0.75
C SER B 469 12.72 -12.10 2.12
N SER B 470 12.72 -13.43 2.27
CA SER B 470 13.26 -14.09 3.45
C SER B 470 14.75 -14.37 3.34
N GLY B 471 15.43 -13.87 2.29
CA GLY B 471 16.86 -14.03 2.07
C GLY B 471 17.23 -15.41 1.56
N PHE B 472 18.54 -15.68 1.63
CA PHE B 472 19.08 -16.97 1.22
C PHE B 472 20.30 -17.32 2.06
N VAL B 473 20.48 -18.61 2.31
CA VAL B 473 21.72 -19.18 2.81
C VAL B 473 22.31 -20.04 1.70
N ALA B 474 23.61 -19.89 1.44
CA ALA B 474 24.30 -20.62 0.38
C ALA B 474 25.36 -21.57 0.96
N VAL B 475 25.37 -22.80 0.49
CA VAL B 475 26.45 -23.76 0.77
C VAL B 475 27.36 -23.86 -0.45
N THR B 476 28.66 -24.02 -0.21
CA THR B 476 29.60 -24.12 -1.33
C THR B 476 30.73 -25.09 -0.99
N VAL B 477 30.71 -26.29 -1.58
CA VAL B 477 31.82 -27.23 -1.46
C VAL B 477 32.55 -27.34 -2.80
N VAL B 478 33.83 -27.70 -2.73
CA VAL B 478 34.60 -28.01 -3.92
C VAL B 478 34.88 -29.51 -3.92
N VAL B 479 35.16 -30.08 -5.08
CA VAL B 479 35.47 -31.50 -5.18
C VAL B 479 36.57 -31.73 -6.23
N ARG B 480 37.35 -32.81 -6.03
CA ARG B 480 38.19 -33.32 -7.13
C ARG B 480 37.28 -34.03 -8.13
N ARG B 481 37.43 -33.67 -9.41
CA ARG B 481 36.38 -33.89 -10.41
C ARG B 481 35.65 -35.23 -10.30
N GLY B 482 36.37 -36.31 -10.13
CA GLY B 482 35.70 -37.59 -10.17
C GLY B 482 35.36 -38.15 -8.82
N THR B 483 36.13 -37.75 -7.81
CA THR B 483 35.95 -38.23 -6.44
C THR B 483 34.75 -37.53 -5.78
N GLY B 484 34.48 -37.91 -4.54
CA GLY B 484 33.56 -37.14 -3.72
C GLY B 484 34.36 -36.17 -2.88
N GLN B 485 35.65 -36.50 -2.69
CA GLN B 485 36.68 -35.82 -1.91
C GLN B 485 36.53 -34.30 -1.92
N PRO B 486 36.20 -33.70 -0.77
CA PRO B 486 35.93 -32.26 -0.72
C PRO B 486 37.08 -31.26 -0.90
N LEU B 487 38.34 -31.57 -0.63
CA LEU B 487 39.42 -30.63 -0.96
C LEU B 487 39.45 -29.33 -0.16
N ALA B 488 38.39 -29.02 0.59
CA ALA B 488 38.31 -27.82 1.42
C ALA B 488 37.05 -27.90 2.26
N ALA B 489 37.08 -27.19 3.39
CA ALA B 489 35.93 -27.19 4.27
C ALA B 489 34.76 -26.44 3.62
N PRO B 490 33.51 -26.90 3.81
CA PRO B 490 32.38 -26.20 3.20
C PRO B 490 32.34 -24.73 3.56
N HIS B 491 31.51 -23.93 2.89
CA HIS B 491 31.58 -22.48 3.04
C HIS B 491 30.16 -21.92 2.97
N LEU B 492 29.60 -21.52 4.13
CA LEU B 492 28.23 -21.04 4.22
C LEU B 492 28.24 -19.52 4.33
N HIS B 493 27.67 -18.87 3.31
CA HIS B 493 27.24 -17.48 3.29
C HIS B 493 25.78 -17.41 3.67
N SER B 494 25.29 -16.18 3.87
CA SER B 494 23.87 -15.91 3.76
C SER B 494 23.70 -14.40 3.65
N ARG B 495 22.70 -13.98 2.88
CA ARG B 495 22.31 -12.59 2.75
C ARG B 495 20.80 -12.51 3.01
N GLY B 496 20.39 -11.40 3.63
CA GLY B 496 19.00 -11.20 3.99
C GLY B 496 18.45 -12.24 4.92
N PHE B 497 19.28 -12.77 5.83
CA PHE B 497 18.84 -13.87 6.69
C PHE B 497 18.93 -13.49 8.17
N SER B 498 20.13 -13.45 8.74
CA SER B 498 20.35 -12.93 10.08
C SER B 498 21.58 -12.02 10.08
N GLU B 499 21.81 -11.32 11.18
CA GLU B 499 23.06 -10.56 11.34
C GLU B 499 23.80 -10.96 12.61
N ASP B 500 23.51 -12.14 13.15
CA ASP B 500 24.41 -12.82 14.08
C ASP B 500 25.51 -13.52 13.28
N PRO B 501 26.80 -13.35 13.64
CA PRO B 501 27.85 -14.09 12.90
C PRO B 501 27.72 -15.60 13.05
N LYS B 502 27.55 -16.05 14.28
CA LYS B 502 27.39 -17.45 14.67
C LYS B 502 26.03 -18.07 14.19
N ALA B 503 25.23 -17.34 13.42
CA ALA B 503 23.91 -17.85 13.03
C ALA B 503 24.03 -19.15 12.26
N LEU B 504 24.96 -19.22 11.30
CA LEU B 504 25.15 -20.40 10.47
C LEU B 504 26.08 -21.44 11.08
N GLU B 505 26.71 -21.13 12.21
CA GLU B 505 27.76 -22.01 12.72
C GLU B 505 27.24 -23.41 13.03
N PRO B 506 26.07 -23.61 13.65
CA PRO B 506 25.53 -24.97 13.77
C PRO B 506 25.29 -25.64 12.44
N ALA B 507 25.31 -24.90 11.33
CA ALA B 507 25.05 -25.45 10.02
C ALA B 507 26.32 -25.90 9.31
N VAL B 508 27.43 -25.16 9.49
CA VAL B 508 28.71 -25.67 8.96
C VAL B 508 29.02 -27.02 9.59
N ARG B 509 28.65 -27.25 10.85
CA ARG B 509 28.90 -28.57 11.42
C ARG B 509 28.01 -29.62 10.78
N LYS B 510 26.71 -29.36 10.70
CA LYS B 510 25.81 -30.38 10.18
C LYS B 510 26.16 -30.75 8.74
N VAL B 511 26.63 -29.79 7.95
CA VAL B 511 27.04 -30.08 6.56
C VAL B 511 28.28 -30.99 6.56
N GLU B 512 29.36 -30.53 7.18
CA GLU B 512 30.57 -31.34 7.37
C GLU B 512 30.21 -32.79 7.65
N ALA B 513 29.26 -33.02 8.55
CA ALA B 513 28.83 -34.38 8.87
C ALA B 513 28.14 -35.03 7.68
N GLU B 514 27.20 -34.33 7.07
CA GLU B 514 26.58 -34.83 5.84
C GLU B 514 27.63 -35.07 4.77
N LEU B 515 28.49 -34.08 4.54
CA LEU B 515 29.50 -34.12 3.49
C LEU B 515 30.40 -35.35 3.58
N GLU B 516 30.31 -36.11 4.66
CA GLU B 516 31.13 -37.30 4.76
C GLU B 516 30.36 -38.59 4.97
N SER B 517 29.07 -38.55 5.29
CA SER B 517 28.26 -39.67 4.86
C SER B 517 28.26 -39.79 3.32
N LEU B 518 28.42 -38.66 2.61
CA LEU B 518 28.59 -38.70 1.15
C LEU B 518 29.90 -39.39 0.77
N VAL B 519 31.01 -38.95 1.37
CA VAL B 519 32.34 -39.49 1.03
C VAL B 519 32.42 -40.97 1.40
N ALA B 520 32.05 -41.30 2.63
CA ALA B 520 31.95 -42.69 3.08
C ALA B 520 30.81 -43.45 2.39
N ALA B 521 30.26 -42.90 1.30
CA ALA B 521 29.31 -43.59 0.45
C ALA B 521 29.59 -43.31 -1.02
N ASN B 522 30.80 -42.85 -1.34
CA ASN B 522 31.33 -42.78 -2.71
C ASN B 522 30.37 -42.10 -3.68
N VAL B 523 29.69 -41.06 -3.18
CA VAL B 523 28.88 -40.23 -4.07
C VAL B 523 29.84 -39.37 -4.88
N THR B 524 30.11 -39.80 -6.11
CA THR B 524 30.93 -39.07 -7.06
C THR B 524 30.16 -37.92 -7.74
N ASP B 525 28.84 -38.00 -7.80
CA ASP B 525 28.06 -37.06 -8.60
C ASP B 525 28.03 -35.71 -7.91
N PRO B 526 28.44 -34.62 -8.57
CA PRO B 526 28.30 -33.31 -7.93
C PRO B 526 26.87 -32.94 -7.57
N ILE B 527 25.97 -33.28 -8.46
CA ILE B 527 24.57 -32.87 -8.22
C ILE B 527 24.04 -33.55 -6.98
N ARG B 528 24.19 -34.86 -6.86
CA ARG B 528 23.64 -35.53 -5.66
C ARG B 528 24.27 -34.96 -4.40
N ILE B 529 25.57 -34.69 -4.38
CA ILE B 529 26.09 -34.11 -3.12
C ILE B 529 25.59 -32.68 -2.97
N ALA B 530 25.17 -32.03 -4.05
CA ALA B 530 24.58 -30.70 -3.91
C ALA B 530 23.18 -30.79 -3.29
N GLN B 531 22.42 -31.82 -3.65
CA GLN B 531 21.10 -32.02 -3.10
C GLN B 531 21.17 -32.32 -1.60
N GLY B 532 21.92 -33.36 -1.24
CA GLY B 532 21.92 -33.80 0.15
C GLY B 532 22.40 -32.73 1.11
N VAL B 533 23.38 -31.94 0.66
CA VAL B 533 23.82 -30.78 1.44
C VAL B 533 22.69 -29.76 1.55
N ARG B 534 22.02 -29.48 0.43
CA ARG B 534 20.91 -28.52 0.42
C ARG B 534 19.81 -28.94 1.36
N ARG B 535 19.53 -30.24 1.45
CA ARG B 535 18.48 -30.70 2.35
C ARG B 535 18.91 -30.56 3.79
N THR B 536 20.15 -30.90 4.12
CA THR B 536 20.59 -30.72 5.50
C THR B 536 20.49 -29.27 5.94
N VAL B 537 20.73 -28.33 5.03
CA VAL B 537 20.72 -26.93 5.46
C VAL B 537 19.29 -26.38 5.52
N GLY B 538 18.40 -26.85 4.65
CA GLY B 538 16.99 -26.54 4.77
C GLY B 538 16.45 -27.06 6.09
N LYS B 539 16.58 -28.37 6.31
CA LYS B 539 15.97 -28.97 7.50
C LYS B 539 16.55 -28.42 8.78
N TRP B 540 17.73 -27.80 8.73
CA TRP B 540 18.23 -27.13 9.92
C TRP B 540 17.50 -25.81 10.15
N VAL B 541 17.55 -24.88 9.18
CA VAL B 541 16.87 -23.60 9.37
C VAL B 541 15.38 -23.81 9.57
N GLY B 542 14.83 -24.87 8.98
CA GLY B 542 13.47 -25.24 9.30
C GLY B 542 13.29 -25.36 10.79
N GLU B 543 13.83 -26.41 11.39
CA GLU B 543 13.59 -26.68 12.80
C GLU B 543 14.05 -25.51 13.66
N THR B 544 15.19 -24.91 13.33
CA THR B 544 15.79 -23.96 14.24
C THR B 544 15.10 -22.60 14.19
N TYR B 545 14.81 -22.07 13.00
CA TYR B 545 14.24 -20.73 12.90
C TYR B 545 12.78 -20.69 12.45
N ARG B 546 12.27 -21.78 11.86
CA ARG B 546 11.02 -21.77 11.11
C ARG B 546 10.95 -20.50 10.26
N ARG B 547 12.08 -20.08 9.73
CA ARG B 547 12.18 -19.19 8.57
C ARG B 547 12.49 -20.01 7.32
N GLN B 548 12.16 -19.44 6.17
CA GLN B 548 12.26 -20.19 4.91
C GLN B 548 13.02 -19.40 3.86
N PRO B 549 14.29 -19.05 4.13
CA PRO B 549 15.08 -18.40 3.10
C PRO B 549 15.35 -19.41 2.01
N MET B 550 15.64 -18.92 0.82
CA MET B 550 15.98 -19.83 -0.25
C MET B 550 17.35 -20.43 0.00
N ILE B 551 17.43 -21.76 -0.09
CA ILE B 551 18.64 -22.49 0.26
C ILE B 551 19.37 -22.86 -1.03
N VAL B 552 20.51 -22.22 -1.26
CA VAL B 552 21.14 -22.25 -2.59
C VAL B 552 22.46 -23.02 -2.57
N PRO B 553 22.50 -24.27 -3.01
CA PRO B 553 23.77 -25.02 -3.04
C PRO B 553 24.60 -24.69 -4.27
N THR B 554 25.92 -24.93 -4.14
CA THR B 554 26.92 -24.68 -5.18
C THR B 554 28.06 -25.65 -4.97
N VAL B 555 28.32 -26.51 -5.95
CA VAL B 555 29.32 -27.58 -5.86
C VAL B 555 30.27 -27.44 -7.04
N ILE B 556 31.48 -26.96 -6.80
CA ILE B 556 32.48 -26.71 -7.84
C ILE B 556 33.37 -27.95 -7.93
N GLU B 557 33.75 -28.35 -9.15
CA GLU B 557 34.67 -29.48 -9.34
C GLU B 557 35.99 -29.01 -9.92
N VAL B 558 37.08 -29.49 -9.34
CA VAL B 558 38.42 -29.20 -9.85
C VAL B 558 39.21 -30.53 -9.85
ZN ZN E . -8.43 0.56 20.59
ZN ZN F . -4.99 0.87 19.46
ZN ZN G . -6.03 6.84 -18.09
ZN ZN H . -6.67 10.59 -18.57
#